data_1AXM
#
_entry.id   1AXM
#
_cell.length_a   87.690
_cell.length_b   158.050
_cell.length_c   190.580
_cell.angle_alpha   90.00
_cell.angle_beta   90.00
_cell.angle_gamma   90.00
#
_symmetry.space_group_name_H-M   'C 2 2 21'
#
loop_
_entity.id
_entity.type
_entity.pdbx_description
1 polymer 'ACIDIC FIBROBLAST GROWTH FACTOR'
2 branched '2-deoxy-6-O-sulfo-2-(sulfoamino)-alpha-D-glucopyranose-(1-4)-2-O-sulfo-alpha-L-idopyranuronic acid-(1-4)-2-deoxy-6-O-sulfo-2-(sulfoamino)-alpha-D-glucopyranose-(1-4)-2-O-sulfo-alpha-L-idopyranuronic acid-(1-4)-2-deoxy-6-O-sulfo-2-(sulfoamino)-alpha-D-glucopyranose'
3 branched '2-O-sulfo-alpha-L-idopyranuronic acid-(1-4)-2-deoxy-6-O-sulfo-2-(sulfoamino)-alpha-D-glucopyranose-(1-4)-2-O-sulfo-alpha-L-idopyranuronic acid-(1-4)-2-deoxy-6-O-sulfo-2-(sulfoamino)-alpha-D-glucopyranose-(1-4)-2-O-sulfo-alpha-L-idopyranuronic acid'
4 water water
#
_entity_poly.entity_id   1
_entity_poly.type   'polypeptide(L)'
_entity_poly.pdbx_seq_one_letter_code
;GNYKKPKLLYCSNGGHFLRILPDGTVDGTRDRSDQHIQLQLSAESVGEVYIKSTETGQYLA(MSE)DTDGLLYGSQTPNE
ECLFLERLEENHYNTYISKKHAEKNWFVGLKKNGSCKRGPRTHYGQKAILFLPLPVSSD
;
_entity_poly.pdbx_strand_id   A,B,C,D,E,F
#
loop_
_chem_comp.id
_chem_comp.type
_chem_comp.name
_chem_comp.formula
IDS L-saccharide, alpha linking '2-O-sulfo-alpha-L-idopyranuronic acid' 'C6 H10 O10 S'
SGN D-saccharide, alpha linking 2-deoxy-6-O-sulfo-2-(sulfoamino)-alpha-D-glucopyranose 'C6 H13 N O11 S2'
#
# COMPACT_ATOMS: atom_id res chain seq x y z
N LYS A 4 -68.49 21.01 72.10
CA LYS A 4 -67.98 22.21 71.41
C LYS A 4 -67.87 23.44 72.35
N LYS A 5 -66.65 23.99 72.41
CA LYS A 5 -66.25 25.18 73.16
C LYS A 5 -65.14 25.67 72.22
N PRO A 6 -64.99 26.98 72.03
CA PRO A 6 -63.93 27.41 71.11
C PRO A 6 -62.60 26.68 71.27
N LYS A 7 -62.01 26.31 70.13
CA LYS A 7 -60.74 25.64 70.06
C LYS A 7 -59.69 26.40 69.28
N LEU A 8 -58.59 25.73 69.00
CA LEU A 8 -57.47 26.27 68.22
C LEU A 8 -57.11 25.15 67.26
N LEU A 9 -56.87 25.52 66.02
CA LEU A 9 -56.48 24.52 65.04
C LEU A 9 -54.99 24.71 64.83
N TYR A 10 -54.21 23.91 65.54
CA TYR A 10 -52.78 23.98 65.44
C TYR A 10 -52.35 22.97 64.35
N CYS A 11 -51.62 23.49 63.35
CA CYS A 11 -51.10 22.72 62.22
C CYS A 11 -49.66 22.20 62.44
N SER A 12 -49.52 20.89 62.42
CA SER A 12 -48.24 20.23 62.62
C SER A 12 -47.15 20.83 61.78
N ASN A 13 -47.42 20.94 60.48
CA ASN A 13 -46.46 21.53 59.53
C ASN A 13 -46.22 23.01 59.84
N GLY A 14 -45.07 23.31 60.40
CA GLY A 14 -44.78 24.69 60.73
C GLY A 14 -45.15 25.06 62.14
N GLY A 15 -46.13 24.37 62.73
CA GLY A 15 -46.54 24.68 64.09
C GLY A 15 -47.17 26.04 64.27
N HIS A 16 -48.22 26.30 63.50
CA HIS A 16 -48.94 27.59 63.52
C HIS A 16 -50.38 27.30 63.90
N PHE A 17 -51.09 28.36 64.28
CA PHE A 17 -52.48 28.26 64.67
C PHE A 17 -53.28 28.91 63.55
N LEU A 18 -54.37 28.24 63.13
CA LEU A 18 -55.21 28.74 62.06
C LEU A 18 -55.75 30.11 62.46
N ARG A 19 -55.79 31.03 61.53
CA ARG A 19 -56.21 32.38 61.84
C ARG A 19 -57.06 32.98 60.76
N ILE A 20 -58.08 33.72 61.19
CA ILE A 20 -59.01 34.38 60.27
C ILE A 20 -58.93 35.87 60.56
N LEU A 21 -58.03 36.56 59.86
CA LEU A 21 -57.86 38.00 60.01
C LEU A 21 -59.18 38.74 59.74
N PRO A 22 -59.43 39.87 60.44
CA PRO A 22 -60.67 40.65 60.26
C PRO A 22 -61.01 40.96 58.80
N ASP A 23 -60.00 41.01 57.96
CA ASP A 23 -60.16 41.33 56.54
C ASP A 23 -60.41 40.14 55.65
N GLY A 24 -60.95 39.07 56.21
CA GLY A 24 -61.27 37.87 55.44
C GLY A 24 -60.09 37.03 54.98
N THR A 25 -58.91 37.38 55.45
CA THR A 25 -57.69 36.70 55.12
C THR A 25 -57.36 35.55 56.05
N VAL A 26 -57.21 34.35 55.48
CA VAL A 26 -56.88 33.15 56.27
C VAL A 26 -55.38 32.80 56.22
N ASP A 27 -54.81 32.49 57.37
CA ASP A 27 -53.42 32.15 57.44
C ASP A 27 -53.13 31.38 58.72
N GLY A 28 -51.89 31.46 59.20
CA GLY A 28 -51.54 30.77 60.41
C GLY A 28 -50.63 31.65 61.20
N THR A 29 -50.51 31.41 62.50
CA THR A 29 -49.63 32.23 63.30
C THR A 29 -49.14 31.41 64.46
N ARG A 30 -47.95 31.75 64.96
CA ARG A 30 -47.39 31.03 66.09
C ARG A 30 -47.68 31.79 67.38
N ASP A 31 -48.18 33.01 67.26
CA ASP A 31 -48.53 33.84 68.41
C ASP A 31 -49.83 33.33 69.03
N ARG A 32 -49.69 32.66 70.17
CA ARG A 32 -50.82 32.10 70.89
C ARG A 32 -51.71 33.20 71.43
N SER A 33 -51.10 34.34 71.72
CA SER A 33 -51.81 35.49 72.24
C SER A 33 -52.49 36.31 71.13
N ASP A 34 -52.58 35.71 69.96
CA ASP A 34 -53.21 36.36 68.83
C ASP A 34 -54.72 36.21 69.06
N GLN A 35 -55.41 37.35 69.02
CA GLN A 35 -56.87 37.38 69.23
C GLN A 35 -57.73 36.92 68.06
N HIS A 36 -57.19 36.13 67.13
CA HIS A 36 -57.98 35.65 65.99
C HIS A 36 -57.73 34.18 65.69
N ILE A 37 -57.28 33.42 66.68
CA ILE A 37 -57.04 31.99 66.48
C ILE A 37 -58.04 31.12 67.23
N GLN A 38 -58.98 31.74 67.96
CA GLN A 38 -60.01 31.02 68.70
C GLN A 38 -61.15 30.71 67.72
N LEU A 39 -61.39 29.43 67.49
CA LEU A 39 -62.40 29.07 66.56
C LEU A 39 -63.43 28.15 67.16
N GLN A 40 -64.69 28.38 66.85
CA GLN A 40 -65.77 27.55 67.33
C GLN A 40 -66.23 26.62 66.20
N LEU A 41 -66.14 25.30 66.45
CA LEU A 41 -66.52 24.35 65.43
C LEU A 41 -67.96 23.89 65.63
N SER A 42 -68.79 24.16 64.64
CA SER A 42 -70.21 23.84 64.64
C SER A 42 -70.55 22.61 63.75
N ALA A 43 -71.01 21.54 64.36
CA ALA A 43 -71.34 20.33 63.58
C ALA A 43 -72.72 20.39 62.96
N GLU A 44 -72.79 20.48 61.63
CA GLU A 44 -74.11 20.53 60.99
C GLU A 44 -74.72 19.17 60.70
N SER A 45 -73.93 18.11 60.84
CA SER A 45 -74.41 16.77 60.59
C SER A 45 -73.46 15.82 61.28
N VAL A 46 -73.29 14.63 60.70
CA VAL A 46 -72.43 13.63 61.29
C VAL A 46 -70.97 13.76 60.88
N GLY A 47 -70.70 14.21 59.65
CA GLY A 47 -69.31 14.33 59.22
C GLY A 47 -68.85 15.72 58.78
N GLU A 48 -69.80 16.67 58.75
CA GLU A 48 -69.55 18.03 58.31
C GLU A 48 -69.39 18.96 59.51
N VAL A 49 -68.74 20.09 59.31
CA VAL A 49 -68.54 21.05 60.40
C VAL A 49 -68.44 22.47 59.86
N TYR A 50 -68.63 23.45 60.73
CA TYR A 50 -68.51 24.83 60.37
C TYR A 50 -67.37 25.37 61.24
N ILE A 51 -66.44 26.11 60.65
CA ILE A 51 -65.33 26.63 61.42
C ILE A 51 -65.51 28.12 61.46
N LYS A 52 -66.11 28.64 62.53
CA LYS A 52 -66.35 30.08 62.65
C LYS A 52 -65.61 30.74 63.77
N SER A 53 -64.96 31.85 63.43
CA SER A 53 -64.17 32.66 64.34
C SER A 53 -65.02 33.20 65.46
N THR A 54 -64.51 33.13 66.67
CA THR A 54 -65.24 33.65 67.82
C THR A 54 -65.09 35.17 67.90
N GLU A 55 -63.90 35.71 67.60
CA GLU A 55 -63.66 37.15 67.64
C GLU A 55 -64.37 37.98 66.55
N THR A 56 -64.38 37.56 65.30
CA THR A 56 -65.08 38.37 64.32
C THR A 56 -66.34 37.73 63.79
N GLY A 57 -66.56 36.47 64.13
CA GLY A 57 -67.75 35.80 63.68
C GLY A 57 -67.68 35.28 62.26
N GLN A 58 -66.56 35.48 61.59
CA GLN A 58 -66.45 35.00 60.21
C GLN A 58 -66.32 33.46 60.08
N TYR A 59 -66.96 32.92 59.06
CA TYR A 59 -66.89 31.51 58.78
C TYR A 59 -65.76 31.26 57.78
N LEU A 60 -64.92 30.27 58.05
CA LEU A 60 -63.81 29.93 57.16
C LEU A 60 -64.48 29.33 55.96
N ALA A 61 -64.09 29.77 54.77
CA ALA A 61 -64.70 29.18 53.56
C ALA A 61 -63.69 29.05 52.43
N MSE A 62 -64.05 28.31 51.39
CA MSE A 62 -63.13 28.14 50.28
C MSE A 62 -63.79 28.34 48.93
O MSE A 62 -64.70 27.60 48.56
CB MSE A 62 -62.52 26.77 50.33
CG MSE A 62 -61.49 26.52 49.21
SE MSE A 62 -60.79 24.73 49.23
CE MSE A 62 -59.10 25.24 50.02
N ASP A 63 -63.29 29.31 48.18
CA ASP A 63 -63.86 29.62 46.90
C ASP A 63 -63.57 28.57 45.82
N THR A 64 -64.08 28.80 44.61
CA THR A 64 -63.88 27.91 43.46
C THR A 64 -62.43 27.78 43.01
N ASP A 65 -61.56 28.67 43.47
CA ASP A 65 -60.15 28.65 43.10
C ASP A 65 -59.29 27.96 44.14
N GLY A 66 -59.94 27.42 45.16
CA GLY A 66 -59.20 26.76 46.22
C GLY A 66 -58.59 27.71 47.26
N LEU A 67 -58.92 29.00 47.21
CA LEU A 67 -58.39 29.94 48.22
C LEU A 67 -59.30 30.04 49.44
N LEU A 68 -58.69 30.10 50.62
CA LEU A 68 -59.42 30.19 51.89
C LEU A 68 -59.71 31.63 52.16
N TYR A 69 -60.86 31.91 52.76
CA TYR A 69 -61.25 33.29 53.09
C TYR A 69 -62.25 33.31 54.24
N GLY A 70 -62.41 34.50 54.81
CA GLY A 70 -63.34 34.71 55.90
C GLY A 70 -64.66 35.24 55.38
N SER A 71 -65.72 34.43 55.46
CA SER A 71 -67.04 34.82 55.00
C SER A 71 -67.92 35.24 56.17
N GLN A 72 -68.80 36.21 55.95
CA GLN A 72 -69.69 36.68 57.00
C GLN A 72 -71.00 35.88 56.98
N THR A 73 -71.06 34.89 56.10
CA THR A 73 -72.25 34.10 55.98
C THR A 73 -71.97 32.63 55.77
N PRO A 74 -72.72 31.77 56.44
CA PRO A 74 -72.58 30.33 56.34
C PRO A 74 -73.23 29.89 55.02
N ASN A 75 -72.42 29.72 53.97
CA ASN A 75 -72.93 29.29 52.67
C ASN A 75 -72.44 27.88 52.37
N GLU A 76 -72.71 27.37 51.17
CA GLU A 76 -72.24 26.05 50.80
C GLU A 76 -70.69 26.02 50.79
N GLU A 77 -70.06 27.15 50.53
CA GLU A 77 -68.60 27.20 50.51
C GLU A 77 -67.93 27.22 51.89
N CYS A 78 -68.72 27.04 52.96
CA CYS A 78 -68.22 27.07 54.35
C CYS A 78 -68.27 25.76 55.07
N LEU A 79 -68.89 24.76 54.46
CA LEU A 79 -69.02 23.43 55.03
C LEU A 79 -67.79 22.56 54.72
N PHE A 80 -67.26 21.86 55.74
CA PHE A 80 -66.09 20.99 55.58
C PHE A 80 -66.27 19.61 56.24
N LEU A 81 -65.75 18.57 55.61
CA LEU A 81 -65.81 17.21 56.14
C LEU A 81 -64.60 17.02 57.07
N GLU A 82 -64.83 16.61 58.30
CA GLU A 82 -63.73 16.43 59.23
C GLU A 82 -63.40 14.97 59.18
N ARG A 83 -62.15 14.62 58.85
CA ARG A 83 -61.73 13.21 58.80
C ARG A 83 -60.50 12.94 59.69
N LEU A 84 -60.17 11.68 59.86
CA LEU A 84 -59.02 11.32 60.66
C LEU A 84 -57.93 10.64 59.85
N GLU A 85 -56.70 11.16 60.00
CA GLU A 85 -55.51 10.61 59.35
C GLU A 85 -55.17 9.36 60.22
N GLU A 86 -54.36 8.41 59.73
CA GLU A 86 -54.03 7.27 60.57
C GLU A 86 -53.09 7.60 61.74
N ASN A 87 -52.66 8.84 61.81
CA ASN A 87 -51.83 9.27 62.90
C ASN A 87 -52.59 10.13 63.87
N HIS A 88 -53.92 10.02 63.79
CA HIS A 88 -54.79 10.73 64.67
C HIS A 88 -54.70 12.24 64.58
N TYR A 89 -54.78 12.74 63.36
CA TYR A 89 -54.77 14.16 63.16
C TYR A 89 -56.11 14.41 62.42
N ASN A 90 -56.66 15.61 62.60
CA ASN A 90 -57.88 15.97 61.93
C ASN A 90 -57.57 16.68 60.62
N THR A 91 -58.24 16.27 59.54
CA THR A 91 -58.07 16.90 58.25
C THR A 91 -59.42 17.37 57.77
N TYR A 92 -59.45 18.56 57.21
CA TYR A 92 -60.69 19.15 56.71
C TYR A 92 -60.73 19.35 55.19
N ILE A 93 -61.60 18.62 54.52
CA ILE A 93 -61.74 18.74 53.08
C ILE A 93 -63.03 19.49 52.69
N SER A 94 -62.91 20.44 51.76
CA SER A 94 -64.03 21.24 51.27
C SER A 94 -65.14 20.31 50.76
N LYS A 95 -66.30 20.37 51.40
CA LYS A 95 -67.42 19.52 50.98
C LYS A 95 -67.84 19.80 49.57
N LYS A 96 -67.74 21.06 49.16
CA LYS A 96 -68.14 21.43 47.80
C LYS A 96 -67.19 20.80 46.82
N HIS A 97 -65.91 21.12 47.04
CA HIS A 97 -64.82 20.62 46.23
C HIS A 97 -64.28 19.30 46.71
N ALA A 98 -65.12 18.48 47.30
CA ALA A 98 -64.72 17.21 47.79
C ALA A 98 -64.01 16.35 46.71
N GLU A 99 -64.65 16.16 45.56
CA GLU A 99 -64.11 15.33 44.51
C GLU A 99 -62.76 15.80 43.93
N LYS A 100 -62.43 17.06 44.08
CA LYS A 100 -61.14 17.55 43.60
C LYS A 100 -60.04 17.25 44.59
N ASN A 101 -60.42 16.88 45.83
CA ASN A 101 -59.49 16.58 46.94
C ASN A 101 -58.73 17.82 47.37
N TRP A 102 -59.48 18.83 47.78
CA TRP A 102 -58.94 20.13 48.25
C TRP A 102 -59.12 20.19 49.76
N PHE A 103 -58.07 20.43 50.49
CA PHE A 103 -58.18 20.46 51.92
C PHE A 103 -57.84 21.84 52.43
N VAL A 104 -58.00 22.01 53.73
CA VAL A 104 -57.67 23.25 54.41
C VAL A 104 -56.22 22.98 54.74
N GLY A 105 -55.34 23.91 54.46
CA GLY A 105 -53.94 23.64 54.80
C GLY A 105 -53.02 24.85 54.90
N LEU A 106 -51.99 24.74 55.70
CA LEU A 106 -51.08 25.85 55.84
C LEU A 106 -49.66 25.49 55.40
N LYS A 107 -49.05 26.38 54.63
CA LYS A 107 -47.69 26.18 54.21
C LYS A 107 -46.85 26.17 55.47
N LYS A 108 -45.68 25.55 55.37
CA LYS A 108 -44.76 25.47 56.49
C LYS A 108 -44.37 26.86 56.94
N ASN A 109 -44.37 27.82 56.02
CA ASN A 109 -44.02 29.22 56.34
C ASN A 109 -45.14 29.96 57.00
N GLY A 110 -46.30 29.33 57.14
CA GLY A 110 -47.43 29.97 57.76
C GLY A 110 -48.60 30.33 56.86
N SER A 111 -48.33 30.64 55.59
CA SER A 111 -49.39 31.01 54.62
C SER A 111 -50.40 29.89 54.40
N CYS A 112 -51.55 30.20 53.82
CA CYS A 112 -52.52 29.15 53.53
C CYS A 112 -52.01 28.45 52.26
N LYS A 113 -52.34 27.18 52.08
CA LYS A 113 -51.91 26.43 50.89
C LYS A 113 -53.15 26.41 50.05
N ARG A 114 -53.00 26.66 48.76
CA ARG A 114 -54.17 26.67 47.87
C ARG A 114 -54.85 25.31 47.73
N GLY A 115 -56.16 25.32 47.76
CA GLY A 115 -56.94 24.11 47.61
C GLY A 115 -56.28 23.17 46.61
N PRO A 116 -56.18 23.56 45.34
CA PRO A 116 -55.55 22.71 44.34
C PRO A 116 -54.15 22.21 44.71
N ARG A 117 -53.42 22.95 45.53
CA ARG A 117 -52.07 22.52 45.94
C ARG A 117 -51.97 21.56 47.14
N THR A 118 -53.10 21.15 47.71
CA THR A 118 -53.09 20.24 48.84
C THR A 118 -53.58 18.93 48.32
N HIS A 119 -53.27 17.85 49.03
CA HIS A 119 -53.72 16.53 48.64
C HIS A 119 -53.58 15.61 49.84
N TYR A 120 -54.43 14.58 49.86
CA TYR A 120 -54.44 13.57 50.91
C TYR A 120 -53.06 13.09 51.23
N GLY A 121 -52.71 13.07 52.51
CA GLY A 121 -51.42 12.62 52.95
C GLY A 121 -50.41 13.68 53.31
N GLN A 122 -50.60 14.91 52.89
CA GLN A 122 -49.60 15.92 53.22
C GLN A 122 -49.57 16.24 54.69
N LYS A 123 -48.53 16.94 55.12
CA LYS A 123 -48.35 17.32 56.51
C LYS A 123 -48.94 18.71 56.76
N ALA A 124 -49.16 19.46 55.70
CA ALA A 124 -49.73 20.81 55.83
C ALA A 124 -51.27 20.80 56.11
N ILE A 125 -51.88 19.64 55.87
CA ILE A 125 -53.29 19.49 56.09
C ILE A 125 -53.58 18.78 57.42
N LEU A 126 -52.53 18.44 58.16
CA LEU A 126 -52.69 17.73 59.41
C LEU A 126 -52.87 18.73 60.53
N PHE A 127 -54.12 18.86 60.97
CA PHE A 127 -54.52 19.78 62.02
C PHE A 127 -54.85 19.05 63.28
N LEU A 128 -54.54 19.69 64.40
CA LEU A 128 -54.81 19.11 65.72
C LEU A 128 -55.62 20.12 66.55
N PRO A 129 -56.85 19.77 66.91
CA PRO A 129 -57.74 20.64 67.72
C PRO A 129 -57.27 20.91 69.18
N LEU A 130 -56.56 22.00 69.39
CA LEU A 130 -56.08 22.30 70.72
C LEU A 130 -57.11 23.08 71.54
N PRO A 131 -57.23 22.76 72.82
CA PRO A 131 -58.18 23.43 73.70
C PRO A 131 -57.69 24.74 74.32
N VAL A 132 -58.58 25.72 74.42
CA VAL A 132 -58.25 27.00 75.05
C VAL A 132 -59.07 27.11 76.37
N SER A 133 -58.52 27.79 77.39
CA SER A 133 -59.18 27.91 78.69
C SER A 133 -59.79 26.60 79.21
N PRO B 6 -12.37 21.18 34.85
CA PRO B 6 -13.10 21.38 36.13
C PRO B 6 -14.41 22.16 35.83
N LYS B 7 -15.56 21.62 36.26
CA LYS B 7 -16.84 22.28 36.02
C LYS B 7 -17.70 22.47 37.29
N LEU B 8 -18.83 23.14 37.08
CA LEU B 8 -19.77 23.44 38.13
C LEU B 8 -21.15 22.94 37.71
N LEU B 9 -21.82 22.22 38.59
CA LEU B 9 -23.12 21.74 38.27
C LEU B 9 -24.10 22.80 38.80
N TYR B 10 -24.72 23.51 37.85
CA TYR B 10 -25.68 24.54 38.18
C TYR B 10 -27.06 23.90 38.06
N CYS B 11 -27.87 24.03 39.11
CA CYS B 11 -29.23 23.46 39.11
C CYS B 11 -30.23 24.59 38.95
N SER B 12 -30.88 24.65 37.78
CA SER B 12 -31.83 25.71 37.43
C SER B 12 -32.92 25.91 38.48
N ASN B 13 -33.48 24.80 38.97
CA ASN B 13 -34.53 24.86 40.00
C ASN B 13 -33.97 25.52 41.26
N GLY B 14 -34.23 26.82 41.43
CA GLY B 14 -33.74 27.51 42.61
C GLY B 14 -32.29 27.93 42.42
N GLY B 15 -31.74 27.58 41.27
CA GLY B 15 -30.39 27.92 40.85
C GLY B 15 -29.21 27.88 41.78
N HIS B 16 -28.80 26.69 42.23
CA HIS B 16 -27.66 26.55 43.13
C HIS B 16 -26.59 25.72 42.43
N PHE B 17 -25.42 25.60 43.05
CA PHE B 17 -24.28 24.82 42.51
C PHE B 17 -24.02 23.66 43.46
N LEU B 18 -24.09 22.43 42.95
CA LEU B 18 -23.89 21.22 43.75
C LEU B 18 -22.63 21.33 44.61
N ARG B 19 -22.76 20.99 45.87
CA ARG B 19 -21.62 21.10 46.76
C ARG B 19 -21.40 19.88 47.64
N ILE B 20 -20.17 19.40 47.62
CA ILE B 20 -19.74 18.25 48.39
C ILE B 20 -18.88 18.74 49.55
N LEU B 21 -19.52 19.18 50.62
CA LEU B 21 -18.84 19.65 51.81
C LEU B 21 -17.92 18.56 52.33
N PRO B 22 -16.90 18.95 53.13
CA PRO B 22 -15.90 18.04 53.73
C PRO B 22 -16.46 16.89 54.58
N ASP B 23 -17.51 17.16 55.33
CA ASP B 23 -18.09 16.14 56.20
C ASP B 23 -19.02 15.12 55.52
N GLY B 24 -18.83 14.92 54.21
CA GLY B 24 -19.63 13.96 53.44
C GLY B 24 -21.03 14.47 53.09
N THR B 25 -21.27 15.74 53.42
CA THR B 25 -22.55 16.38 53.19
C THR B 25 -22.65 16.96 51.77
N VAL B 26 -23.77 16.70 51.11
CA VAL B 26 -23.98 17.19 49.75
C VAL B 26 -25.20 18.08 49.72
N ASP B 27 -25.08 19.24 49.09
CA ASP B 27 -26.18 20.20 49.01
C ASP B 27 -25.98 21.13 47.82
N GLY B 28 -26.58 22.31 47.90
CA GLY B 28 -26.46 23.31 46.87
C GLY B 28 -26.15 24.62 47.58
N THR B 29 -25.60 25.58 46.85
CA THR B 29 -25.28 26.90 47.42
C THR B 29 -25.11 27.83 46.23
N ARG B 30 -25.49 29.08 46.38
CA ARG B 30 -25.35 29.97 45.26
C ARG B 30 -23.99 30.69 45.25
N ASP B 31 -23.29 30.63 46.39
CA ASP B 31 -21.99 31.26 46.55
C ASP B 31 -21.02 30.79 45.47
N ARG B 32 -20.95 31.57 44.40
CA ARG B 32 -20.11 31.26 43.25
C ARG B 32 -18.63 31.15 43.66
N SER B 33 -18.25 31.84 44.73
CA SER B 33 -16.85 31.81 45.20
C SER B 33 -16.55 30.58 46.04
N ASP B 34 -17.58 29.79 46.33
CA ASP B 34 -17.45 28.62 47.18
C ASP B 34 -16.45 27.56 46.73
N GLN B 35 -15.50 27.28 47.62
CA GLN B 35 -14.45 26.31 47.35
C GLN B 35 -14.87 24.87 47.12
N HIS B 36 -16.15 24.55 47.27
CA HIS B 36 -16.60 23.16 47.13
C HIS B 36 -17.59 22.88 46.01
N ILE B 37 -17.55 23.69 44.96
CA ILE B 37 -18.47 23.48 43.84
C ILE B 37 -17.75 23.10 42.53
N GLN B 38 -16.43 22.94 42.59
CA GLN B 38 -15.65 22.54 41.42
C GLN B 38 -15.70 21.03 41.40
N LEU B 39 -16.40 20.49 40.43
CA LEU B 39 -16.53 19.04 40.30
C LEU B 39 -15.76 18.57 39.06
N GLN B 40 -15.08 17.45 39.17
CA GLN B 40 -14.33 16.91 38.04
C GLN B 40 -15.05 15.66 37.55
N LEU B 41 -15.86 15.82 36.51
CA LEU B 41 -16.59 14.72 35.93
C LEU B 41 -15.70 13.74 35.22
N SER B 42 -15.68 12.50 35.70
CA SER B 42 -14.85 11.43 35.12
C SER B 42 -15.72 10.47 34.28
N ALA B 43 -15.44 10.35 33.00
CA ALA B 43 -16.22 9.45 32.17
C ALA B 43 -15.72 7.99 32.28
N GLU B 44 -16.51 7.13 32.93
CA GLU B 44 -16.13 5.73 33.07
C GLU B 44 -16.57 4.91 31.87
N SER B 45 -17.67 5.28 31.26
CA SER B 45 -18.17 4.55 30.10
C SER B 45 -18.89 5.51 29.18
N VAL B 46 -19.41 4.96 28.07
CA VAL B 46 -20.09 5.77 27.07
C VAL B 46 -21.23 6.60 27.66
N GLY B 47 -21.77 6.19 28.81
CA GLY B 47 -22.86 6.96 29.41
C GLY B 47 -22.76 7.11 30.92
N GLU B 48 -21.67 6.64 31.49
CA GLU B 48 -21.52 6.67 32.93
C GLU B 48 -20.51 7.72 33.29
N VAL B 49 -20.64 8.31 34.46
CA VAL B 49 -19.70 9.31 34.91
C VAL B 49 -19.52 9.29 36.40
N TYR B 50 -18.42 9.83 36.88
CA TYR B 50 -18.11 9.91 38.30
C TYR B 50 -18.04 11.41 38.57
N ILE B 51 -18.47 11.84 39.73
CA ILE B 51 -18.46 13.26 40.05
C ILE B 51 -17.62 13.42 41.31
N LYS B 52 -16.42 13.95 41.16
CA LYS B 52 -15.51 14.11 42.28
C LYS B 52 -15.17 15.56 42.62
N SER B 53 -15.07 15.87 43.91
CA SER B 53 -14.71 17.22 44.31
C SER B 53 -13.25 17.40 43.97
N THR B 54 -12.87 18.60 43.54
CA THR B 54 -11.46 18.87 43.23
C THR B 54 -10.78 19.20 44.55
N GLU B 55 -11.47 20.01 45.35
CA GLU B 55 -10.95 20.43 46.63
C GLU B 55 -10.83 19.36 47.67
N THR B 56 -11.72 18.38 47.69
CA THR B 56 -11.64 17.31 48.71
C THR B 56 -11.37 15.92 48.11
N GLY B 57 -11.63 15.80 46.81
CA GLY B 57 -11.41 14.54 46.15
C GLY B 57 -12.50 13.52 46.47
N GLN B 58 -13.55 13.92 47.19
CA GLN B 58 -14.63 13.01 47.52
C GLN B 58 -15.51 12.83 46.31
N TYR B 59 -15.96 11.60 46.08
CA TYR B 59 -16.85 11.30 44.96
C TYR B 59 -18.28 11.49 45.38
N LEU B 60 -19.14 11.87 44.45
CA LEU B 60 -20.55 12.04 44.75
C LEU B 60 -21.03 10.59 44.79
N ALA B 61 -22.01 10.31 45.64
CA ALA B 61 -22.54 8.97 45.75
C ALA B 61 -23.92 9.01 46.40
N MSE B 62 -24.69 7.94 46.17
CA MSE B 62 -26.02 7.86 46.73
C MSE B 62 -26.20 6.54 47.50
O MSE B 62 -26.03 5.45 46.94
CB MSE B 62 -27.04 7.96 45.61
CG MSE B 62 -28.35 8.57 46.05
SE MSE B 62 -29.62 8.18 44.69
CE MSE B 62 -29.28 9.92 43.93
N ASP B 63 -26.54 6.66 48.78
CA ASP B 63 -26.76 5.47 49.57
C ASP B 63 -28.10 4.82 49.22
N THR B 64 -28.34 3.66 49.83
CA THR B 64 -29.57 2.92 49.61
C THR B 64 -30.86 3.72 49.91
N ASP B 65 -30.81 4.67 50.84
CA ASP B 65 -31.98 5.47 51.19
C ASP B 65 -32.19 6.61 50.21
N GLY B 66 -31.33 6.72 49.21
CA GLY B 66 -31.48 7.80 48.25
C GLY B 66 -30.96 9.13 48.75
N LEU B 67 -30.00 9.10 49.67
CA LEU B 67 -29.42 10.30 50.18
C LEU B 67 -28.04 10.49 49.57
N LEU B 68 -27.78 11.68 49.04
CA LEU B 68 -26.49 11.99 48.42
C LEU B 68 -25.40 12.12 49.46
N TYR B 69 -24.18 11.74 49.10
CA TYR B 69 -23.08 11.88 50.05
C TYR B 69 -21.70 11.90 49.42
N GLY B 70 -20.73 12.34 50.23
CA GLY B 70 -19.34 12.42 49.81
C GLY B 70 -18.50 11.20 50.17
N SER B 71 -18.38 10.26 49.22
CA SER B 71 -17.56 9.07 49.42
C SER B 71 -16.10 9.41 49.13
N GLN B 72 -15.19 8.82 49.91
CA GLN B 72 -13.77 9.06 49.69
C GLN B 72 -13.30 8.06 48.62
N THR B 73 -13.98 6.94 48.50
CA THR B 73 -13.60 5.89 47.58
C THR B 73 -14.64 5.64 46.50
N PRO B 74 -14.21 5.56 45.24
CA PRO B 74 -15.15 5.32 44.15
C PRO B 74 -15.69 3.88 44.14
N ASN B 75 -16.91 3.71 44.60
CA ASN B 75 -17.53 2.40 44.62
C ASN B 75 -18.75 2.46 43.72
N GLU B 76 -19.58 1.42 43.72
CA GLU B 76 -20.78 1.35 42.89
C GLU B 76 -21.74 2.50 43.18
N GLU B 77 -21.78 2.91 44.43
CA GLU B 77 -22.65 4.00 44.83
C GLU B 77 -22.34 5.37 44.18
N CYS B 78 -21.17 5.50 43.55
CA CYS B 78 -20.77 6.77 42.94
C CYS B 78 -20.93 6.88 41.43
N LEU B 79 -21.29 5.79 40.79
CA LEU B 79 -21.43 5.79 39.35
C LEU B 79 -22.82 6.28 38.92
N PHE B 80 -22.86 7.34 38.12
CA PHE B 80 -24.13 7.89 37.60
C PHE B 80 -24.30 7.89 36.06
N LEU B 81 -25.52 7.64 35.60
CA LEU B 81 -25.79 7.64 34.17
C LEU B 81 -26.22 9.05 33.81
N GLU B 82 -25.35 9.78 33.12
CA GLU B 82 -25.64 11.17 32.71
C GLU B 82 -26.47 11.18 31.43
N ARG B 83 -27.44 12.07 31.34
CA ARG B 83 -28.29 12.10 30.17
C ARG B 83 -28.79 13.51 29.91
N LEU B 84 -29.43 13.71 28.75
CA LEU B 84 -29.97 14.99 28.32
C LEU B 84 -31.49 14.97 28.33
N GLU B 85 -32.07 15.98 28.95
CA GLU B 85 -33.52 16.16 29.00
C GLU B 85 -33.82 16.90 27.69
N GLU B 86 -35.06 16.87 27.18
CA GLU B 86 -35.37 17.57 25.93
C GLU B 86 -35.10 19.05 25.91
N ASN B 87 -35.40 19.77 26.97
CA ASN B 87 -35.13 21.19 26.98
C ASN B 87 -33.66 21.51 27.22
N HIS B 88 -32.83 20.58 26.76
CA HIS B 88 -31.40 20.65 26.80
C HIS B 88 -30.75 20.81 28.16
N TYR B 89 -30.85 19.76 28.98
CA TYR B 89 -30.25 19.79 30.30
C TYR B 89 -29.65 18.41 30.62
N ASN B 90 -28.65 18.41 31.50
CA ASN B 90 -28.00 17.18 31.93
C ASN B 90 -28.57 16.66 33.24
N THR B 91 -29.14 15.45 33.22
CA THR B 91 -29.68 14.84 34.40
C THR B 91 -28.69 13.73 34.76
N TYR B 92 -28.57 13.38 36.05
CA TYR B 92 -27.63 12.35 36.51
C TYR B 92 -28.28 11.31 37.43
N ILE B 93 -28.67 10.17 36.87
CA ILE B 93 -29.29 9.13 37.67
C ILE B 93 -28.33 8.10 38.27
N SER B 94 -28.62 7.66 39.49
CA SER B 94 -27.83 6.66 40.21
C SER B 94 -27.96 5.33 39.44
N LYS B 95 -26.83 4.83 38.93
CA LYS B 95 -26.78 3.61 38.13
C LYS B 95 -27.23 2.39 38.91
N LYS B 96 -26.86 2.37 40.18
CA LYS B 96 -27.23 1.25 41.05
C LYS B 96 -28.73 1.16 41.20
N HIS B 97 -29.36 2.29 41.54
CA HIS B 97 -30.80 2.35 41.75
C HIS B 97 -31.56 2.77 40.48
N ALA B 98 -30.91 2.71 39.32
CA ALA B 98 -31.52 3.13 38.07
C ALA B 98 -32.96 2.76 37.93
N GLU B 99 -33.22 1.49 38.14
CA GLU B 99 -34.57 0.92 38.05
C GLU B 99 -35.64 1.66 38.82
N LYS B 100 -35.27 2.27 39.95
CA LYS B 100 -36.19 2.99 40.80
C LYS B 100 -36.35 4.43 40.37
N ASN B 101 -35.51 4.89 39.45
CA ASN B 101 -35.59 6.27 38.92
C ASN B 101 -35.15 7.38 39.90
N TRP B 102 -34.05 7.16 40.61
CA TRP B 102 -33.55 8.18 41.55
C TRP B 102 -32.41 8.95 40.93
N PHE B 103 -32.60 10.25 40.74
CA PHE B 103 -31.56 11.10 40.16
C PHE B 103 -30.89 11.95 41.24
N VAL B 104 -29.84 12.68 40.84
CA VAL B 104 -29.17 13.63 41.74
C VAL B 104 -30.06 14.85 41.64
N GLY B 105 -30.37 15.51 42.74
CA GLY B 105 -31.23 16.67 42.66
C GLY B 105 -31.11 17.65 43.81
N LEU B 106 -31.69 18.83 43.61
CA LEU B 106 -31.68 19.88 44.63
C LEU B 106 -33.08 20.45 44.75
N LYS B 107 -33.58 20.53 45.98
CA LYS B 107 -34.90 21.10 46.22
C LYS B 107 -34.71 22.56 45.83
N LYS B 108 -35.82 23.26 45.50
CA LYS B 108 -35.67 24.66 45.11
C LYS B 108 -35.06 25.49 46.25
N ASN B 109 -35.17 24.99 47.47
CA ASN B 109 -34.62 25.67 48.62
C ASN B 109 -33.13 25.40 48.85
N GLY B 110 -32.48 24.70 47.93
CA GLY B 110 -31.05 24.46 48.07
C GLY B 110 -30.64 23.09 48.58
N SER B 111 -31.38 22.59 49.56
CA SER B 111 -31.13 21.28 50.15
C SER B 111 -31.17 20.16 49.10
N CYS B 112 -30.49 19.07 49.34
CA CYS B 112 -30.52 17.98 48.36
C CYS B 112 -31.89 17.32 48.40
N LYS B 113 -32.40 16.92 47.23
CA LYS B 113 -33.69 16.29 47.19
C LYS B 113 -33.47 14.79 47.17
N ARG B 114 -33.96 14.11 48.19
CA ARG B 114 -33.85 12.66 48.33
C ARG B 114 -34.29 11.88 47.08
N GLY B 115 -33.48 10.91 46.72
CA GLY B 115 -33.71 10.11 45.54
C GLY B 115 -35.12 9.66 45.30
N PRO B 116 -35.67 8.88 46.20
CA PRO B 116 -37.04 8.44 45.95
C PRO B 116 -38.07 9.54 45.74
N ARG B 117 -37.65 10.80 45.93
CA ARG B 117 -38.53 11.98 45.75
C ARG B 117 -38.41 12.61 44.34
N THR B 118 -37.24 12.45 43.74
CA THR B 118 -36.96 12.98 42.44
C THR B 118 -37.52 12.01 41.42
N HIS B 119 -37.94 12.52 40.27
CA HIS B 119 -38.51 11.68 39.20
C HIS B 119 -38.24 12.35 37.86
N TYR B 120 -38.15 11.56 36.80
CA TYR B 120 -37.89 12.06 35.46
C TYR B 120 -38.92 13.10 35.01
N GLY B 121 -38.42 14.26 34.61
CA GLY B 121 -39.26 15.38 34.19
C GLY B 121 -39.31 16.49 35.25
N GLN B 122 -38.59 16.35 36.36
CA GLN B 122 -38.59 17.35 37.43
C GLN B 122 -37.61 18.46 37.20
N LYS B 123 -38.01 19.69 37.50
CA LYS B 123 -37.09 20.79 37.32
C LYS B 123 -35.89 20.58 38.23
N ALA B 124 -36.13 20.11 39.45
CA ALA B 124 -35.04 19.90 40.41
C ALA B 124 -33.88 18.97 39.95
N ILE B 125 -34.13 18.11 38.94
CA ILE B 125 -33.07 17.24 38.48
C ILE B 125 -32.33 17.75 37.25
N LEU B 126 -32.77 18.85 36.65
CA LEU B 126 -32.10 19.40 35.46
C LEU B 126 -30.86 20.14 35.92
N PHE B 127 -29.72 19.76 35.35
CA PHE B 127 -28.39 20.38 35.64
C PHE B 127 -27.73 20.98 34.38
N LEU B 128 -26.76 21.83 34.60
CA LEU B 128 -26.10 22.50 33.52
C LEU B 128 -24.68 22.69 33.94
N PRO B 129 -23.77 22.03 33.24
CA PRO B 129 -22.34 22.12 33.54
C PRO B 129 -21.72 23.44 33.10
N LEU B 130 -21.43 24.29 34.07
CA LEU B 130 -20.81 25.58 33.79
C LEU B 130 -19.33 25.52 34.16
N PRO B 131 -18.48 26.19 33.36
CA PRO B 131 -17.04 26.20 33.62
C PRO B 131 -16.68 27.23 34.67
N VAL B 132 -15.61 26.99 35.43
CA VAL B 132 -15.18 27.97 36.44
C VAL B 132 -14.13 29.00 35.94
N LYS C 5 15.36 -40.57 -13.25
CA LYS C 5 14.93 -39.17 -13.12
C LYS C 5 13.42 -38.95 -13.30
N PRO C 6 12.66 -39.94 -13.84
CA PRO C 6 11.21 -39.68 -13.98
C PRO C 6 10.61 -39.14 -12.67
N LYS C 7 9.92 -38.00 -12.81
CA LYS C 7 9.34 -37.33 -11.67
C LYS C 7 7.83 -37.47 -11.57
N LEU C 8 7.29 -36.85 -10.53
CA LEU C 8 5.86 -36.80 -10.33
C LEU C 8 5.53 -35.31 -10.28
N LEU C 9 4.61 -34.86 -11.12
CA LEU C 9 4.25 -33.45 -11.09
C LEU C 9 3.06 -33.24 -10.18
N TYR C 10 3.37 -32.80 -8.97
CA TYR C 10 2.38 -32.55 -7.93
C TYR C 10 1.84 -31.10 -7.95
N CYS C 11 0.56 -30.97 -8.26
CA CYS C 11 -0.08 -29.68 -8.32
C CYS C 11 -0.60 -29.36 -6.93
N SER C 12 -0.04 -28.32 -6.30
CA SER C 12 -0.46 -27.90 -4.97
C SER C 12 -1.97 -27.57 -4.91
N ASN C 13 -2.52 -27.21 -6.06
CA ASN C 13 -3.95 -26.90 -6.15
C ASN C 13 -4.76 -28.20 -6.12
N GLY C 14 -5.23 -28.56 -4.94
CA GLY C 14 -6.02 -29.77 -4.83
C GLY C 14 -5.15 -31.01 -4.71
N GLY C 15 -3.84 -30.79 -4.59
CA GLY C 15 -2.91 -31.89 -4.42
C GLY C 15 -3.10 -33.13 -5.28
N HIS C 16 -2.88 -32.99 -6.60
CA HIS C 16 -3.04 -34.13 -7.50
C HIS C 16 -1.75 -34.34 -8.23
N PHE C 17 -1.63 -35.51 -8.82
CA PHE C 17 -0.45 -35.90 -9.60
C PHE C 17 -0.93 -35.83 -11.05
N LEU C 18 -0.21 -35.06 -11.89
CA LEU C 18 -0.54 -34.94 -13.31
C LEU C 18 -0.48 -36.35 -13.86
N ARG C 19 -1.60 -36.82 -14.39
CA ARG C 19 -1.71 -38.19 -14.86
C ARG C 19 -2.18 -38.36 -16.29
N ILE C 20 -1.31 -38.94 -17.10
CA ILE C 20 -1.59 -39.18 -18.53
C ILE C 20 -2.16 -40.59 -18.78
N LEU C 21 -3.47 -40.71 -18.79
CA LEU C 21 -4.11 -41.99 -19.02
C LEU C 21 -3.84 -42.54 -20.41
N PRO C 22 -3.83 -43.88 -20.53
CA PRO C 22 -3.58 -44.59 -21.78
C PRO C 22 -4.41 -44.09 -22.96
N ASP C 23 -5.70 -43.85 -22.75
CA ASP C 23 -6.55 -43.38 -23.83
C ASP C 23 -6.28 -41.95 -24.27
N GLY C 24 -5.11 -41.43 -23.88
CA GLY C 24 -4.72 -40.07 -24.24
C GLY C 24 -5.36 -39.01 -23.36
N THR C 25 -6.08 -39.43 -22.32
CA THR C 25 -6.73 -38.47 -21.44
C THR C 25 -5.69 -38.02 -20.43
N VAL C 26 -5.79 -36.78 -19.98
CA VAL C 26 -4.88 -36.28 -18.96
C VAL C 26 -5.67 -35.55 -17.86
N ASP C 27 -5.40 -35.88 -16.61
CA ASP C 27 -6.07 -35.27 -15.46
C ASP C 27 -5.12 -35.37 -14.32
N GLY C 28 -5.64 -35.61 -13.13
CA GLY C 28 -4.79 -35.76 -11.97
C GLY C 28 -5.29 -36.89 -11.08
N THR C 29 -4.54 -37.15 -10.01
CA THR C 29 -4.93 -38.20 -9.08
C THR C 29 -4.11 -38.06 -7.80
N ARG C 30 -4.69 -38.50 -6.69
CA ARG C 30 -4.00 -38.43 -5.41
C ARG C 30 -3.30 -39.77 -5.17
N ASP C 31 -3.76 -40.79 -5.87
CA ASP C 31 -3.20 -42.13 -5.78
C ASP C 31 -1.78 -42.12 -6.31
N ARG C 32 -0.83 -42.14 -5.39
CA ARG C 32 0.56 -42.12 -5.74
C ARG C 32 0.97 -43.49 -6.28
N SER C 33 0.12 -44.49 -6.09
CA SER C 33 0.39 -45.86 -6.56
C SER C 33 -0.13 -46.08 -7.98
N ASP C 34 -0.60 -44.99 -8.61
CA ASP C 34 -1.11 -45.07 -9.96
C ASP C 34 0.03 -45.22 -10.95
N GLN C 35 -0.11 -46.19 -11.85
CA GLN C 35 0.90 -46.46 -12.86
C GLN C 35 0.88 -45.55 -14.09
N HIS C 36 0.29 -44.36 -13.97
CA HIS C 36 0.23 -43.44 -15.12
C HIS C 36 0.55 -42.00 -14.71
N ILE C 37 1.31 -41.84 -13.63
CA ILE C 37 1.69 -40.52 -13.12
C ILE C 37 3.17 -40.31 -13.26
N GLN C 38 3.88 -41.36 -13.70
CA GLN C 38 5.33 -41.33 -13.89
C GLN C 38 5.66 -40.54 -15.17
N LEU C 39 6.45 -39.46 -15.03
CA LEU C 39 6.78 -38.61 -16.16
C LEU C 39 8.26 -38.36 -16.33
N GLN C 40 8.64 -38.20 -17.59
CA GLN C 40 10.02 -37.98 -17.95
C GLN C 40 10.12 -36.68 -18.74
N LEU C 41 10.59 -35.66 -18.05
CA LEU C 41 10.78 -34.36 -18.66
C LEU C 41 12.00 -34.35 -19.56
N SER C 42 11.76 -34.31 -20.87
CA SER C 42 12.85 -34.29 -21.84
C SER C 42 13.29 -32.84 -22.01
N ALA C 43 14.44 -32.49 -21.45
CA ALA C 43 14.93 -31.12 -21.59
C ALA C 43 15.33 -30.93 -23.05
N GLU C 44 15.32 -29.69 -23.50
CA GLU C 44 15.65 -29.41 -24.88
C GLU C 44 16.68 -28.28 -25.05
N SER C 45 16.24 -27.05 -24.77
CA SER C 45 17.11 -25.91 -24.95
C SER C 45 17.24 -25.24 -23.61
N VAL C 46 17.69 -23.99 -23.61
CA VAL C 46 17.86 -23.24 -22.38
C VAL C 46 16.49 -22.99 -21.70
N GLY C 47 15.44 -23.74 -22.09
CA GLY C 47 14.13 -23.55 -21.49
C GLY C 47 13.02 -24.51 -21.88
N GLU C 48 12.91 -24.88 -23.15
CA GLU C 48 11.86 -25.80 -23.62
C GLU C 48 11.92 -27.17 -22.97
N VAL C 49 10.82 -27.90 -23.02
CA VAL C 49 10.72 -29.23 -22.42
C VAL C 49 9.61 -30.03 -23.06
N TYR C 50 9.68 -31.35 -22.89
CA TYR C 50 8.69 -32.31 -23.37
C TYR C 50 8.31 -33.06 -22.10
N ILE C 51 7.15 -33.69 -22.09
CA ILE C 51 6.74 -34.45 -20.91
C ILE C 51 6.12 -35.76 -21.38
N LYS C 52 6.84 -36.86 -21.21
CA LYS C 52 6.30 -38.15 -21.67
C LYS C 52 6.09 -39.16 -20.55
N SER C 53 4.96 -39.85 -20.62
CA SER C 53 4.64 -40.88 -19.64
C SER C 53 5.65 -41.99 -19.85
N THR C 54 6.04 -42.62 -18.75
CA THR C 54 6.99 -43.72 -18.86
C THR C 54 6.22 -45.00 -19.14
N GLU C 55 5.08 -45.17 -18.47
CA GLU C 55 4.30 -46.39 -18.66
C GLU C 55 3.69 -46.51 -20.06
N THR C 56 3.23 -45.40 -20.63
CA THR C 56 2.62 -45.44 -21.96
C THR C 56 3.41 -44.69 -23.01
N GLY C 57 4.47 -44.01 -22.60
CA GLY C 57 5.31 -43.28 -23.55
C GLY C 57 4.70 -42.10 -24.30
N GLN C 58 3.42 -41.83 -24.08
CA GLN C 58 2.75 -40.72 -24.75
C GLN C 58 3.36 -39.39 -24.33
N TYR C 59 3.29 -38.39 -25.19
CA TYR C 59 3.80 -37.08 -24.81
C TYR C 59 2.59 -36.17 -24.51
N LEU C 60 2.71 -35.37 -23.47
CA LEU C 60 1.63 -34.49 -23.05
C LEU C 60 1.61 -33.34 -24.04
N ALA C 61 0.41 -33.00 -24.50
CA ALA C 61 0.24 -31.92 -25.47
C ALA C 61 -1.07 -31.19 -25.21
N MSE C 62 -1.20 -30.01 -25.82
CA MSE C 62 -2.40 -29.19 -25.68
C MSE C 62 -2.93 -28.74 -27.06
O MSE C 62 -2.24 -27.98 -27.75
CB MSE C 62 -2.09 -27.96 -24.82
CG MSE C 62 -3.27 -27.09 -24.50
SE MSE C 62 -2.49 -25.42 -23.91
CE MSE C 62 -1.51 -26.18 -22.45
N ASP C 63 -4.12 -29.19 -27.44
CA ASP C 63 -4.68 -28.80 -28.74
C ASP C 63 -4.96 -27.32 -28.88
N THR C 64 -5.71 -26.97 -29.91
CA THR C 64 -6.05 -25.55 -30.20
C THR C 64 -7.14 -25.01 -29.30
N ASP C 65 -7.84 -25.90 -28.64
CA ASP C 65 -8.88 -25.51 -27.71
C ASP C 65 -8.31 -25.42 -26.30
N GLY C 66 -6.99 -25.52 -26.20
CA GLY C 66 -6.35 -25.45 -24.90
C GLY C 66 -6.47 -26.69 -24.05
N LEU C 67 -7.10 -27.73 -24.60
CA LEU C 67 -7.28 -28.99 -23.89
C LEU C 67 -6.04 -29.88 -24.03
N LEU C 68 -5.53 -30.40 -22.89
CA LEU C 68 -4.36 -31.29 -22.89
C LEU C 68 -4.73 -32.69 -23.38
N TYR C 69 -3.72 -33.46 -23.74
CA TYR C 69 -3.96 -34.84 -24.19
C TYR C 69 -2.62 -35.59 -24.30
N GLY C 70 -2.70 -36.92 -24.36
CA GLY C 70 -1.50 -37.72 -24.51
C GLY C 70 -1.33 -38.07 -25.98
N SER C 71 -0.40 -37.40 -26.65
CA SER C 71 -0.17 -37.68 -28.06
C SER C 71 0.79 -38.85 -28.10
N GLN C 72 0.81 -39.56 -29.24
CA GLN C 72 1.74 -40.69 -29.41
C GLN C 72 3.05 -40.18 -30.03
N THR C 73 2.96 -39.04 -30.71
CA THR C 73 4.10 -38.46 -31.40
C THR C 73 4.46 -37.05 -30.90
N PRO C 74 5.76 -36.80 -30.65
CA PRO C 74 6.32 -35.53 -30.18
C PRO C 74 6.19 -34.42 -31.22
N ASN C 75 5.09 -33.68 -31.19
CA ASN C 75 4.90 -32.60 -32.16
C ASN C 75 5.07 -31.18 -31.61
N GLU C 76 4.64 -30.22 -32.42
CA GLU C 76 4.71 -28.80 -32.08
C GLU C 76 3.90 -28.54 -30.78
N GLU C 77 2.74 -29.19 -30.67
CA GLU C 77 1.86 -29.06 -29.49
C GLU C 77 2.41 -29.80 -28.26
N CYS C 78 3.58 -30.45 -28.38
CA CYS C 78 4.19 -31.20 -27.28
C CYS C 78 5.27 -30.45 -26.55
N LEU C 79 5.55 -29.26 -27.03
CA LEU C 79 6.55 -28.41 -26.42
C LEU C 79 5.97 -27.41 -25.40
N PHE C 80 6.59 -27.32 -24.22
CA PHE C 80 6.16 -26.36 -23.22
C PHE C 80 7.37 -25.63 -22.76
N LEU C 81 7.29 -24.32 -22.63
CA LEU C 81 8.42 -23.57 -22.08
C LEU C 81 8.29 -23.79 -20.55
N GLU C 82 9.33 -24.24 -19.89
CA GLU C 82 9.26 -24.48 -18.45
C GLU C 82 9.81 -23.32 -17.67
N ARG C 83 9.09 -22.87 -16.64
CA ARG C 83 9.53 -21.74 -15.82
C ARG C 83 9.38 -22.00 -14.31
N LEU C 84 10.46 -21.78 -13.54
CA LEU C 84 10.40 -21.99 -12.12
C LEU C 84 9.71 -20.74 -11.64
N GLU C 85 8.51 -20.89 -11.09
CA GLU C 85 7.82 -19.70 -10.62
C GLU C 85 8.14 -19.36 -9.21
N GLU C 86 7.55 -20.02 -8.23
CA GLU C 86 7.95 -19.67 -6.87
C GLU C 86 9.19 -20.49 -6.70
N ASN C 87 10.05 -20.07 -5.77
CA ASN C 87 11.32 -20.75 -5.52
C ASN C 87 11.37 -22.29 -5.51
N HIS C 88 10.22 -22.96 -5.65
CA HIS C 88 10.21 -24.44 -5.69
C HIS C 88 9.25 -24.99 -6.74
N TYR C 89 8.52 -24.13 -7.43
CA TYR C 89 7.54 -24.61 -8.40
C TYR C 89 7.92 -24.41 -9.86
N ASN C 90 7.30 -25.21 -10.72
CA ASN C 90 7.50 -25.17 -12.16
C ASN C 90 6.23 -24.91 -12.85
N THR C 91 6.26 -24.02 -13.83
CA THR C 91 5.07 -23.67 -14.61
C THR C 91 5.40 -23.94 -16.08
N TYR C 92 4.57 -24.71 -16.75
CA TYR C 92 4.76 -25.07 -18.13
C TYR C 92 3.72 -24.43 -19.03
N ILE C 93 4.19 -23.50 -19.86
CA ILE C 93 3.34 -22.79 -20.81
C ILE C 93 3.56 -23.31 -22.23
N SER C 94 2.45 -23.64 -22.92
CA SER C 94 2.50 -24.14 -24.30
C SER C 94 3.18 -23.15 -25.22
N LYS C 95 4.34 -23.56 -25.76
CA LYS C 95 5.14 -22.71 -26.64
C LYS C 95 4.31 -22.28 -27.83
N LYS C 96 3.67 -23.25 -28.49
CA LYS C 96 2.87 -22.96 -29.64
C LYS C 96 1.97 -21.80 -29.31
N HIS C 97 1.17 -21.94 -28.24
CA HIS C 97 0.21 -20.92 -27.83
C HIS C 97 0.75 -19.88 -26.86
N ALA C 98 2.06 -19.79 -26.78
CA ALA C 98 2.75 -18.89 -25.86
C ALA C 98 2.13 -17.49 -25.70
N GLU C 99 1.74 -16.87 -26.82
CA GLU C 99 1.17 -15.52 -26.78
C GLU C 99 -0.15 -15.42 -26.04
N LYS C 100 -0.93 -16.50 -26.11
CA LYS C 100 -2.25 -16.55 -25.46
C LYS C 100 -2.21 -16.79 -23.95
N ASN C 101 -1.05 -17.12 -23.38
CA ASN C 101 -0.93 -17.38 -21.93
C ASN C 101 -1.67 -18.67 -21.53
N TRP C 102 -1.54 -19.73 -22.34
CA TRP C 102 -2.16 -21.02 -22.10
C TRP C 102 -1.23 -21.98 -21.38
N PHE C 103 -1.47 -22.20 -20.09
CA PHE C 103 -0.61 -23.09 -19.27
C PHE C 103 -1.14 -24.47 -19.06
N VAL C 104 -0.29 -25.31 -18.48
CA VAL C 104 -0.69 -26.66 -18.10
C VAL C 104 -1.19 -26.47 -16.68
N GLY C 105 -2.45 -26.77 -16.45
CA GLY C 105 -3.00 -26.61 -15.12
C GLY C 105 -4.00 -27.73 -14.79
N LEU C 106 -4.37 -27.78 -13.52
CA LEU C 106 -5.30 -28.77 -13.05
C LEU C 106 -6.20 -28.04 -12.07
N LYS C 107 -7.50 -28.21 -12.24
CA LYS C 107 -8.48 -27.58 -11.36
C LYS C 107 -8.47 -28.24 -9.96
N LYS C 108 -8.95 -27.50 -8.96
CA LYS C 108 -9.01 -28.03 -7.62
C LYS C 108 -9.69 -29.37 -7.64
N ASN C 109 -10.77 -29.51 -8.39
CA ASN C 109 -11.48 -30.78 -8.43
C ASN C 109 -10.76 -31.99 -9.03
N GLY C 110 -9.61 -31.77 -9.67
CA GLY C 110 -8.88 -32.90 -10.27
C GLY C 110 -8.92 -32.98 -11.80
N SER C 111 -9.78 -32.18 -12.42
CA SER C 111 -9.92 -32.11 -13.88
C SER C 111 -8.87 -31.12 -14.37
N CYS C 112 -8.41 -31.30 -15.60
CA CYS C 112 -7.41 -30.35 -16.14
C CYS C 112 -8.05 -29.01 -16.56
N LYS C 113 -7.46 -27.90 -16.12
CA LYS C 113 -7.98 -26.57 -16.42
C LYS C 113 -7.59 -26.23 -17.85
N ARG C 114 -8.58 -26.00 -18.71
CA ARG C 114 -8.31 -25.70 -20.12
C ARG C 114 -7.49 -24.44 -20.34
N GLY C 115 -6.59 -24.52 -21.30
CA GLY C 115 -5.72 -23.42 -21.61
C GLY C 115 -6.28 -22.04 -21.35
N PRO C 116 -7.27 -21.62 -22.14
CA PRO C 116 -7.91 -20.32 -22.03
C PRO C 116 -8.16 -19.85 -20.61
N ARG C 117 -8.66 -20.75 -19.75
CA ARG C 117 -8.97 -20.39 -18.37
C ARG C 117 -7.79 -20.37 -17.36
N THR C 118 -6.59 -20.81 -17.77
CA THR C 118 -5.42 -20.78 -16.92
C THR C 118 -4.61 -19.54 -17.25
N HIS C 119 -4.00 -18.89 -16.28
CA HIS C 119 -3.26 -17.68 -16.57
C HIS C 119 -2.13 -17.52 -15.57
N TYR C 120 -1.15 -16.69 -15.93
CA TYR C 120 0.00 -16.45 -15.10
C TYR C 120 -0.39 -16.08 -13.68
N GLY C 121 0.22 -16.75 -12.72
CA GLY C 121 -0.03 -16.41 -11.33
C GLY C 121 -0.96 -17.32 -10.57
N GLN C 122 -1.81 -18.02 -11.28
CA GLN C 122 -2.78 -18.88 -10.66
C GLN C 122 -2.10 -19.98 -9.93
N LYS C 123 -2.76 -20.50 -8.92
CA LYS C 123 -2.23 -21.63 -8.18
C LYS C 123 -2.39 -22.93 -9.03
N ALA C 124 -3.43 -23.00 -9.85
CA ALA C 124 -3.70 -24.19 -10.65
C ALA C 124 -2.60 -24.62 -11.61
N ILE C 125 -1.60 -23.74 -11.80
CA ILE C 125 -0.51 -24.05 -12.73
C ILE C 125 0.83 -24.24 -12.01
N LEU C 126 0.80 -24.27 -10.67
CA LEU C 126 2.02 -24.46 -9.88
C LEU C 126 2.23 -25.93 -9.63
N PHE C 127 3.29 -26.46 -10.27
CA PHE C 127 3.71 -27.85 -10.15
C PHE C 127 5.00 -28.03 -9.32
N LEU C 128 5.01 -29.03 -8.45
CA LEU C 128 6.17 -29.35 -7.63
C LEU C 128 6.60 -30.75 -8.07
N PRO C 129 7.81 -30.88 -8.61
CA PRO C 129 8.31 -32.19 -9.05
C PRO C 129 8.73 -33.08 -7.88
N LEU C 130 7.90 -34.04 -7.53
CA LEU C 130 8.23 -34.95 -6.43
C LEU C 130 8.94 -36.18 -7.03
N PRO C 131 10.07 -36.58 -6.42
CA PRO C 131 10.83 -37.73 -6.89
C PRO C 131 10.09 -39.03 -6.61
N VAL C 132 10.31 -40.04 -7.47
CA VAL C 132 9.66 -41.34 -7.30
C VAL C 132 10.71 -42.44 -7.24
N PRO D 6 33.85 19.85 -29.03
CA PRO D 6 33.63 18.60 -29.84
C PRO D 6 34.79 18.39 -30.85
N LYS D 7 35.71 17.43 -30.57
CA LYS D 7 36.87 17.21 -31.44
C LYS D 7 36.95 16.03 -32.40
N LEU D 8 38.04 16.01 -33.13
CA LEU D 8 38.37 14.97 -34.08
C LEU D 8 39.80 14.53 -33.73
N LEU D 9 39.99 13.24 -33.46
CA LEU D 9 41.31 12.72 -33.13
C LEU D 9 41.94 12.23 -34.43
N TYR D 10 42.93 13.00 -34.86
CA TYR D 10 43.66 12.72 -36.07
C TYR D 10 44.92 11.90 -35.75
N CYS D 11 45.04 10.74 -36.39
CA CYS D 11 46.22 9.93 -36.16
C CYS D 11 47.30 10.24 -37.18
N SER D 12 48.40 10.85 -36.73
CA SER D 12 49.50 11.20 -37.62
C SER D 12 49.99 10.00 -38.47
N ASN D 13 50.15 8.83 -37.83
CA ASN D 13 50.60 7.63 -38.51
C ASN D 13 49.58 7.09 -39.50
N GLY D 14 49.61 7.57 -40.73
CA GLY D 14 48.65 7.11 -41.71
C GLY D 14 47.55 8.14 -42.01
N GLY D 15 47.53 9.20 -41.20
CA GLY D 15 46.58 10.28 -41.38
C GLY D 15 45.07 10.00 -41.40
N HIS D 16 44.57 9.32 -40.36
CA HIS D 16 43.15 8.97 -40.24
C HIS D 16 42.54 9.67 -39.03
N PHE D 17 41.23 9.45 -38.88
CA PHE D 17 40.47 10.01 -37.78
C PHE D 17 39.92 8.87 -36.98
N LEU D 18 40.05 8.95 -35.65
CA LEU D 18 39.51 7.88 -34.76
C LEU D 18 37.98 7.74 -34.94
N ARG D 19 37.54 6.55 -35.29
CA ARG D 19 36.13 6.36 -35.56
C ARG D 19 35.37 5.23 -34.84
N ILE D 20 34.39 5.63 -34.04
CA ILE D 20 33.56 4.69 -33.31
C ILE D 20 32.30 4.43 -34.10
N LEU D 21 32.27 3.32 -34.84
CA LEU D 21 31.09 2.96 -35.60
C LEU D 21 29.93 2.55 -34.69
N PRO D 22 28.67 2.69 -35.18
CA PRO D 22 27.45 2.35 -34.43
C PRO D 22 27.43 0.97 -33.78
N ASP D 23 28.08 0.00 -34.42
CA ASP D 23 28.17 -1.40 -33.96
C ASP D 23 29.34 -1.69 -33.03
N GLY D 24 29.76 -0.67 -32.26
CA GLY D 24 30.85 -0.84 -31.31
C GLY D 24 32.24 -0.99 -31.94
N THR D 25 32.30 -0.99 -33.26
CA THR D 25 33.57 -1.11 -33.97
C THR D 25 34.27 0.22 -33.94
N VAL D 26 35.60 0.18 -33.76
CA VAL D 26 36.41 1.40 -33.74
C VAL D 26 37.56 1.22 -34.73
N ASP D 27 37.80 2.25 -35.53
CA ASP D 27 38.87 2.25 -36.53
C ASP D 27 39.18 3.68 -36.91
N GLY D 28 39.56 3.86 -38.15
CA GLY D 28 39.86 5.20 -38.60
C GLY D 28 39.34 5.45 -40.00
N THR D 29 39.33 6.70 -40.40
CA THR D 29 38.85 7.07 -41.73
C THR D 29 39.34 8.44 -42.14
N ARG D 30 39.71 8.54 -43.41
CA ARG D 30 40.16 9.81 -44.00
C ARG D 30 38.95 10.74 -44.23
N ASP D 31 37.78 10.11 -44.35
CA ASP D 31 36.50 10.81 -44.58
C ASP D 31 36.21 11.86 -43.51
N ARG D 32 36.68 13.07 -43.74
CA ARG D 32 36.44 14.12 -42.78
C ARG D 32 34.95 14.20 -42.64
N SER D 33 34.25 13.86 -43.71
CA SER D 33 32.79 13.91 -43.75
C SER D 33 32.03 12.78 -43.06
N ASP D 34 32.71 11.85 -42.38
CA ASP D 34 32.03 10.75 -41.67
C ASP D 34 31.36 11.23 -40.36
N GLN D 35 30.15 10.73 -40.10
CA GLN D 35 29.38 11.13 -38.93
C GLN D 35 29.69 10.35 -37.67
N HIS D 36 30.80 9.64 -37.67
CA HIS D 36 31.16 8.83 -36.50
C HIS D 36 32.59 9.11 -36.05
N ILE D 37 33.10 10.27 -36.40
CA ILE D 37 34.45 10.64 -36.06
C ILE D 37 34.47 11.81 -35.10
N GLN D 38 33.29 12.34 -34.82
CA GLN D 38 33.14 13.49 -33.93
C GLN D 38 33.13 12.95 -32.52
N LEU D 39 34.07 13.38 -31.70
CA LEU D 39 34.18 12.87 -30.34
C LEU D 39 34.22 13.94 -29.25
N GLN D 40 33.54 13.65 -28.15
CA GLN D 40 33.47 14.56 -27.03
C GLN D 40 34.38 14.04 -25.92
N LEU D 41 35.38 14.84 -25.59
CA LEU D 41 36.35 14.50 -24.58
C LEU D 41 35.95 15.05 -23.21
N SER D 42 35.48 14.15 -22.33
CA SER D 42 35.07 14.52 -20.99
C SER D 42 36.18 14.23 -19.97
N ALA D 43 36.61 15.25 -19.22
CA ALA D 43 37.69 15.09 -18.23
C ALA D 43 37.18 14.64 -16.87
N GLU D 44 37.41 13.38 -16.52
CA GLU D 44 36.95 12.85 -15.23
C GLU D 44 37.83 13.09 -13.99
N SER D 45 39.00 13.66 -14.21
CA SER D 45 39.95 13.96 -13.14
C SER D 45 41.08 14.67 -13.83
N VAL D 46 42.00 15.22 -13.04
CA VAL D 46 43.11 15.99 -13.61
C VAL D 46 43.82 15.37 -14.85
N GLY D 47 43.92 14.04 -14.92
CA GLY D 47 44.58 13.45 -16.06
C GLY D 47 43.74 12.43 -16.80
N GLU D 48 42.52 12.22 -16.33
CA GLU D 48 41.63 11.23 -16.92
C GLU D 48 40.62 11.84 -17.85
N VAL D 49 40.27 11.09 -18.89
CA VAL D 49 39.29 11.57 -19.83
C VAL D 49 38.39 10.46 -20.24
N TYR D 50 37.34 10.83 -20.96
CA TYR D 50 36.37 9.90 -21.54
C TYR D 50 36.35 10.33 -22.99
N ILE D 51 36.04 9.42 -23.88
CA ILE D 51 36.02 9.77 -25.30
C ILE D 51 34.76 9.14 -25.86
N LYS D 52 33.71 9.95 -25.95
CA LYS D 52 32.43 9.48 -26.41
C LYS D 52 32.06 10.04 -27.74
N SER D 53 31.29 9.25 -28.47
CA SER D 53 30.78 9.64 -29.77
C SER D 53 29.65 10.62 -29.48
N THR D 54 29.52 11.67 -30.30
CA THR D 54 28.44 12.67 -30.12
C THR D 54 27.25 12.18 -30.90
N GLU D 55 27.50 11.64 -32.09
CA GLU D 55 26.46 11.10 -32.95
C GLU D 55 25.76 9.90 -32.29
N THR D 56 26.52 8.98 -31.70
CA THR D 56 25.90 7.80 -31.08
C THR D 56 25.94 7.75 -29.57
N GLY D 57 26.84 8.53 -28.98
CA GLY D 57 26.97 8.54 -27.53
C GLY D 57 27.84 7.44 -26.92
N GLN D 58 28.26 6.47 -27.74
CA GLN D 58 29.07 5.36 -27.25
C GLN D 58 30.39 5.88 -26.69
N TYR D 59 30.90 5.17 -25.69
CA TYR D 59 32.16 5.52 -25.06
C TYR D 59 33.25 4.61 -25.58
N LEU D 60 34.45 5.15 -25.80
CA LEU D 60 35.59 4.36 -26.29
C LEU D 60 36.17 3.57 -25.12
N ALA D 61 36.35 2.27 -25.35
CA ALA D 61 36.89 1.41 -24.30
C ALA D 61 37.77 0.34 -24.89
N MSE D 62 38.58 -0.27 -24.03
CA MSE D 62 39.51 -1.34 -24.43
C MSE D 62 39.30 -2.54 -23.52
O MSE D 62 39.53 -2.45 -22.30
CB MSE D 62 40.94 -0.85 -24.32
CG MSE D 62 41.97 -1.82 -24.85
SE MSE D 62 43.75 -1.10 -24.62
CE MSE D 62 43.80 -0.59 -26.44
N ASP D 63 38.87 -3.66 -24.10
CA ASP D 63 38.65 -4.88 -23.33
C ASP D 63 39.92 -5.42 -22.70
N THR D 64 39.85 -6.65 -22.21
CA THR D 64 41.01 -7.30 -21.59
C THR D 64 42.02 -7.82 -22.63
N ASP D 65 41.63 -7.84 -23.89
CA ASP D 65 42.52 -8.26 -24.95
C ASP D 65 43.18 -7.06 -25.62
N GLY D 66 42.91 -5.87 -25.08
CA GLY D 66 43.48 -4.66 -25.65
C GLY D 66 42.71 -4.19 -26.84
N LEU D 67 41.60 -4.84 -27.13
CA LEU D 67 40.71 -4.48 -28.25
C LEU D 67 39.84 -3.26 -27.91
N LEU D 68 39.77 -2.30 -28.82
CA LEU D 68 38.96 -1.11 -28.61
C LEU D 68 37.54 -1.38 -29.13
N TYR D 69 36.55 -0.93 -28.36
CA TYR D 69 35.17 -1.10 -28.77
C TYR D 69 34.33 0.13 -28.43
N GLY D 70 33.06 0.08 -28.87
CA GLY D 70 32.12 1.15 -28.61
C GLY D 70 31.20 0.71 -27.50
N SER D 71 31.50 1.19 -26.29
CA SER D 71 30.73 0.87 -25.11
C SER D 71 29.51 1.76 -25.11
N GLN D 72 28.40 1.26 -24.56
CA GLN D 72 27.19 2.06 -24.46
C GLN D 72 27.19 2.72 -23.10
N THR D 73 27.98 2.20 -22.17
CA THR D 73 28.01 2.74 -20.81
C THR D 73 29.41 3.13 -20.36
N PRO D 74 29.53 4.26 -19.64
CA PRO D 74 30.82 4.73 -19.14
C PRO D 74 31.28 3.90 -17.93
N ASN D 75 32.15 2.91 -18.18
CA ASN D 75 32.65 2.06 -17.12
C ASN D 75 34.13 2.26 -16.87
N GLU D 76 34.76 1.29 -16.22
CA GLU D 76 36.18 1.29 -15.89
C GLU D 76 37.04 1.16 -17.16
N GLU D 77 36.59 0.34 -18.09
CA GLU D 77 37.29 0.14 -19.35
C GLU D 77 37.22 1.32 -20.31
N CYS D 78 36.48 2.36 -19.94
CA CYS D 78 36.32 3.53 -20.80
C CYS D 78 37.26 4.67 -20.48
N LEU D 79 37.79 4.70 -19.25
CA LEU D 79 38.68 5.75 -18.80
C LEU D 79 40.12 5.62 -19.28
N PHE D 80 40.65 6.69 -19.87
CA PHE D 80 42.03 6.71 -20.36
C PHE D 80 42.75 7.90 -19.78
N LEU D 81 44.03 7.75 -19.51
CA LEU D 81 44.82 8.86 -19.02
C LEU D 81 45.41 9.50 -20.30
N GLU D 82 45.19 10.82 -20.46
CA GLU D 82 45.65 11.56 -21.63
C GLU D 82 46.99 12.25 -21.35
N ARG D 83 47.95 12.03 -22.25
CA ARG D 83 49.26 12.65 -22.11
C ARG D 83 49.72 13.35 -23.39
N LEU D 84 50.27 14.55 -23.22
CA LEU D 84 50.76 15.33 -24.34
C LEU D 84 52.15 14.80 -24.69
N GLU D 85 52.19 13.86 -25.64
CA GLU D 85 53.46 13.24 -26.05
C GLU D 85 54.31 14.17 -26.84
N GLU D 86 53.64 15.06 -27.56
CA GLU D 86 54.29 16.06 -28.38
C GLU D 86 53.55 17.34 -28.11
N ASN D 87 54.13 18.47 -28.46
CA ASN D 87 53.49 19.75 -28.21
C ASN D 87 52.10 19.87 -28.83
N HIS D 88 51.80 19.01 -29.80
CA HIS D 88 50.51 19.05 -30.47
C HIS D 88 49.69 17.74 -30.45
N TYR D 89 50.37 16.60 -30.35
CA TYR D 89 49.68 15.31 -30.34
C TYR D 89 49.47 14.75 -28.92
N ASN D 90 48.32 14.12 -28.74
CA ASN D 90 47.95 13.51 -27.46
C ASN D 90 48.01 11.99 -27.59
N THR D 91 48.39 11.34 -26.49
CA THR D 91 48.39 9.88 -26.39
C THR D 91 47.40 9.52 -25.27
N TYR D 92 46.60 8.49 -25.53
CA TYR D 92 45.60 8.06 -24.58
C TYR D 92 45.93 6.63 -24.16
N ILE D 93 46.36 6.48 -22.91
CA ILE D 93 46.68 5.17 -22.39
C ILE D 93 45.55 4.59 -21.52
N SER D 94 45.30 3.30 -21.69
CA SER D 94 44.29 2.58 -20.91
C SER D 94 44.65 2.66 -19.40
N LYS D 95 43.81 3.30 -18.59
CA LYS D 95 44.12 3.46 -17.17
C LYS D 95 44.11 2.13 -16.41
N LYS D 96 43.14 1.28 -16.77
CA LYS D 96 42.97 -0.02 -16.18
C LYS D 96 44.24 -0.81 -16.51
N HIS D 97 44.48 -1.05 -17.80
CA HIS D 97 45.65 -1.77 -18.26
C HIS D 97 46.91 -0.87 -18.37
N ALA D 98 46.93 0.26 -17.67
CA ALA D 98 48.03 1.19 -17.74
C ALA D 98 49.35 0.50 -17.53
N GLU D 99 49.47 -0.28 -16.47
CA GLU D 99 50.74 -0.97 -16.15
C GLU D 99 51.34 -1.75 -17.35
N LYS D 100 50.49 -2.19 -18.28
CA LYS D 100 50.92 -2.95 -19.44
C LYS D 100 51.31 -2.06 -20.59
N ASN D 101 51.17 -0.75 -20.41
CA ASN D 101 51.52 0.23 -21.45
C ASN D 101 50.74 -0.04 -22.77
N TRP D 102 49.41 -0.11 -22.65
CA TRP D 102 48.48 -0.32 -23.79
C TRP D 102 47.76 0.98 -24.15
N PHE D 103 48.03 1.51 -25.34
CA PHE D 103 47.43 2.76 -25.76
C PHE D 103 46.36 2.60 -26.85
N VAL D 104 45.75 3.71 -27.21
CA VAL D 104 44.76 3.75 -28.28
C VAL D 104 45.62 4.13 -29.46
N GLY D 105 45.58 3.33 -30.51
CA GLY D 105 46.43 3.63 -31.64
C GLY D 105 45.90 3.04 -32.91
N LEU D 106 46.18 3.70 -34.04
CA LEU D 106 45.69 3.23 -35.34
C LEU D 106 46.82 2.80 -36.23
N LYS D 107 46.61 1.66 -36.86
CA LYS D 107 47.58 1.08 -37.79
C LYS D 107 47.63 2.05 -38.96
N LYS D 108 48.70 1.94 -39.76
CA LYS D 108 48.87 2.77 -40.96
C LYS D 108 47.66 2.48 -41.89
N ASN D 109 47.29 1.20 -41.97
CA ASN D 109 46.17 0.80 -42.80
C ASN D 109 44.81 1.19 -42.20
N GLY D 110 44.82 1.99 -41.14
CA GLY D 110 43.57 2.42 -40.54
C GLY D 110 42.97 1.55 -39.45
N SER D 111 43.08 0.23 -39.56
CA SER D 111 42.53 -0.68 -38.57
C SER D 111 43.03 -0.28 -37.19
N CYS D 112 42.33 -0.71 -36.16
CA CYS D 112 42.76 -0.35 -34.80
C CYS D 112 43.98 -1.21 -34.42
N LYS D 113 44.96 -0.59 -33.75
CA LYS D 113 46.18 -1.28 -33.30
C LYS D 113 45.85 -1.88 -31.92
N ARG D 114 45.95 -3.21 -31.76
CA ARG D 114 45.64 -3.84 -30.47
C ARG D 114 46.50 -3.37 -29.34
N GLY D 115 45.88 -3.18 -28.18
CA GLY D 115 46.57 -2.70 -26.99
C GLY D 115 47.95 -3.23 -26.78
N PRO D 116 48.12 -4.55 -26.72
CA PRO D 116 49.40 -5.24 -26.53
C PRO D 116 50.46 -4.97 -27.61
N ARG D 117 50.02 -4.56 -28.80
CA ARG D 117 50.94 -4.25 -29.89
C ARG D 117 51.34 -2.78 -29.93
N THR D 118 50.80 -1.98 -29.04
CA THR D 118 51.19 -0.59 -29.02
C THR D 118 52.13 -0.42 -27.83
N HIS D 119 52.91 0.66 -27.83
CA HIS D 119 53.87 0.91 -26.77
C HIS D 119 54.22 2.36 -26.94
N TYR D 120 54.70 2.95 -25.86
CA TYR D 120 55.11 4.35 -25.81
C TYR D 120 56.12 4.68 -26.87
N GLY D 121 55.88 5.74 -27.63
CA GLY D 121 56.81 6.13 -28.65
C GLY D 121 56.39 5.81 -30.06
N GLN D 122 55.35 5.02 -30.28
CA GLN D 122 54.93 4.70 -31.64
C GLN D 122 54.21 5.87 -32.27
N LYS D 123 54.36 6.03 -33.57
CA LYS D 123 53.70 7.12 -34.27
C LYS D 123 52.22 6.76 -34.28
N ALA D 124 51.94 5.46 -34.19
CA ALA D 124 50.56 4.95 -34.22
C ALA D 124 49.75 5.35 -33.00
N ILE D 125 50.38 5.96 -32.00
CA ILE D 125 49.65 6.36 -30.81
C ILE D 125 49.57 7.88 -30.67
N LEU D 126 50.27 8.61 -31.56
CA LEU D 126 50.28 10.09 -31.59
C LEU D 126 49.01 10.57 -32.30
N PHE D 127 48.13 11.23 -31.55
CA PHE D 127 46.87 11.74 -32.11
C PHE D 127 46.94 13.25 -32.00
N LEU D 128 46.30 13.93 -32.95
CA LEU D 128 46.23 15.41 -32.99
C LEU D 128 44.78 15.88 -32.76
N PRO D 129 44.54 16.69 -31.70
CA PRO D 129 43.18 17.18 -31.44
C PRO D 129 42.79 18.16 -32.54
N LEU D 130 42.29 17.61 -33.64
CA LEU D 130 41.85 18.40 -34.80
C LEU D 130 40.39 18.81 -34.61
N PRO D 131 40.11 20.12 -34.69
CA PRO D 131 38.74 20.62 -34.54
C PRO D 131 37.70 20.29 -35.63
N VAL D 132 36.44 20.56 -35.25
CA VAL D 132 35.24 20.39 -36.11
C VAL D 132 34.16 21.34 -35.58
N LYS E 5 -48.86 -17.45 -5.42
CA LYS E 5 -48.00 -16.23 -5.55
C LYS E 5 -46.62 -16.50 -5.01
N PRO E 6 -46.51 -16.91 -3.74
CA PRO E 6 -45.15 -17.18 -3.26
C PRO E 6 -44.48 -18.21 -4.18
N LYS E 7 -43.30 -17.88 -4.70
CA LYS E 7 -42.56 -18.78 -5.60
C LYS E 7 -41.32 -19.34 -4.92
N LEU E 8 -40.60 -20.16 -5.66
CA LEU E 8 -39.35 -20.77 -5.24
C LEU E 8 -38.34 -20.33 -6.30
N LEU E 9 -37.15 -20.01 -5.87
CA LEU E 9 -36.14 -19.59 -6.80
C LEU E 9 -35.18 -20.76 -6.84
N TYR E 10 -35.29 -21.56 -7.91
CA TYR E 10 -34.44 -22.73 -8.15
C TYR E 10 -33.21 -22.33 -9.00
N CYS E 11 -32.02 -22.35 -8.39
CA CYS E 11 -30.77 -22.00 -9.05
C CYS E 11 -30.35 -23.21 -9.84
N SER E 12 -30.23 -23.09 -11.16
CA SER E 12 -29.85 -24.25 -12.02
C SER E 12 -28.46 -24.82 -11.72
N ASN E 13 -27.54 -23.93 -11.37
CA ASN E 13 -26.20 -24.39 -11.04
C ASN E 13 -26.26 -25.12 -9.71
N GLY E 14 -26.29 -26.45 -9.76
CA GLY E 14 -26.38 -27.22 -8.51
C GLY E 14 -27.79 -27.61 -8.10
N GLY E 15 -28.80 -26.96 -8.68
CA GLY E 15 -30.19 -27.27 -8.40
C GLY E 15 -30.65 -27.10 -6.96
N HIS E 16 -30.49 -25.91 -6.41
CA HIS E 16 -30.91 -25.65 -5.04
C HIS E 16 -31.98 -24.61 -5.05
N PHE E 17 -32.53 -24.29 -3.88
CA PHE E 17 -33.57 -23.26 -3.76
C PHE E 17 -33.00 -22.15 -2.85
N LEU E 18 -33.18 -20.90 -3.26
CA LEU E 18 -32.66 -19.76 -2.51
C LEU E 18 -33.34 -19.84 -1.17
N ARG E 19 -32.57 -19.69 -0.10
CA ARG E 19 -33.13 -19.82 1.22
C ARG E 19 -32.62 -18.80 2.18
N ILE E 20 -33.57 -18.05 2.78
CA ILE E 20 -33.26 -17.01 3.75
C ILE E 20 -33.57 -17.60 5.15
N LEU E 21 -32.53 -17.94 5.91
CA LEU E 21 -32.66 -18.53 7.23
C LEU E 21 -33.08 -17.47 8.30
N PRO E 22 -33.62 -17.94 9.47
CA PRO E 22 -34.07 -17.09 10.60
C PRO E 22 -32.98 -16.24 11.21
N ASP E 23 -31.72 -16.61 10.98
CA ASP E 23 -30.61 -15.83 11.49
C ASP E 23 -30.00 -14.94 10.39
N GLY E 24 -30.82 -14.53 9.42
CA GLY E 24 -30.36 -13.64 8.34
C GLY E 24 -29.37 -14.25 7.34
N THR E 25 -29.12 -15.54 7.49
CA THR E 25 -28.22 -16.28 6.65
C THR E 25 -28.86 -16.70 5.35
N VAL E 26 -28.25 -16.37 4.21
CA VAL E 26 -28.79 -16.80 2.91
C VAL E 26 -27.90 -17.88 2.32
N ASP E 27 -28.52 -18.87 1.70
CA ASP E 27 -27.83 -19.99 1.08
C ASP E 27 -28.93 -20.70 0.29
N GLY E 28 -28.78 -22.01 0.06
CA GLY E 28 -29.78 -22.73 -0.70
C GLY E 28 -29.91 -24.19 -0.29
N THR E 29 -31.02 -24.82 -0.65
CA THR E 29 -31.21 -26.21 -0.26
C THR E 29 -31.92 -26.94 -1.36
N ARG E 30 -31.66 -28.23 -1.42
CA ARG E 30 -32.30 -29.06 -2.41
C ARG E 30 -33.65 -29.43 -1.83
N ASP E 31 -33.69 -29.51 -0.49
CA ASP E 31 -34.89 -29.87 0.29
C ASP E 31 -36.08 -28.98 -0.06
N ARG E 32 -36.94 -29.47 -0.95
CA ARG E 32 -38.07 -28.69 -1.36
C ARG E 32 -39.06 -28.46 -0.22
N SER E 33 -38.98 -29.27 0.84
CA SER E 33 -39.88 -29.13 2.00
C SER E 33 -39.32 -28.20 3.07
N ASP E 34 -38.19 -27.57 2.80
CA ASP E 34 -37.66 -26.66 3.78
C ASP E 34 -38.72 -25.54 3.83
N GLN E 35 -38.93 -24.98 5.02
CA GLN E 35 -39.92 -23.93 5.19
C GLN E 35 -39.34 -22.55 5.11
N HIS E 36 -38.25 -22.39 4.36
CA HIS E 36 -37.59 -21.08 4.22
C HIS E 36 -37.18 -20.75 2.77
N ILE E 37 -37.80 -21.45 1.83
CA ILE E 37 -37.55 -21.28 0.41
C ILE E 37 -38.78 -20.66 -0.28
N GLN E 38 -39.81 -20.33 0.50
CA GLN E 38 -41.01 -19.74 -0.02
C GLN E 38 -40.71 -18.28 -0.01
N LEU E 39 -40.83 -17.62 -1.17
CA LEU E 39 -40.49 -16.19 -1.26
C LEU E 39 -41.57 -15.42 -1.99
N GLN E 40 -41.83 -14.20 -1.54
CA GLN E 40 -42.85 -13.37 -2.17
C GLN E 40 -42.19 -12.20 -2.91
N LEU E 41 -42.28 -12.20 -4.25
CA LEU E 41 -41.69 -11.11 -4.99
C LEU E 41 -42.60 -9.88 -5.13
N SER E 42 -42.12 -8.76 -4.62
CA SER E 42 -42.88 -7.52 -4.64
C SER E 42 -42.29 -6.51 -5.61
N ALA E 43 -43.07 -6.21 -6.66
CA ALA E 43 -42.67 -5.28 -7.73
C ALA E 43 -42.78 -3.80 -7.35
N GLU E 44 -41.75 -3.23 -6.71
CA GLU E 44 -41.82 -1.82 -6.32
C GLU E 44 -41.88 -0.86 -7.51
N SER E 45 -41.31 -1.30 -8.63
CA SER E 45 -41.30 -0.52 -9.89
C SER E 45 -41.30 -1.54 -11.01
N VAL E 46 -41.48 -1.05 -12.23
CA VAL E 46 -41.54 -1.96 -13.38
C VAL E 46 -40.37 -2.94 -13.49
N GLY E 47 -39.18 -2.53 -13.06
CA GLY E 47 -38.07 -3.44 -13.16
C GLY E 47 -37.49 -3.85 -11.84
N GLU E 48 -38.03 -3.25 -10.78
CA GLU E 48 -37.58 -3.52 -9.41
C GLU E 48 -38.35 -4.64 -8.74
N VAL E 49 -37.71 -5.26 -7.76
CA VAL E 49 -38.30 -6.37 -7.06
C VAL E 49 -37.79 -6.43 -5.64
N TYR E 50 -38.65 -6.93 -4.76
CA TYR E 50 -38.35 -7.21 -3.33
C TYR E 50 -38.45 -8.72 -3.23
N ILE E 51 -37.63 -9.33 -2.39
CA ILE E 51 -37.70 -10.77 -2.22
C ILE E 51 -37.74 -10.94 -0.73
N LYS E 52 -38.93 -11.22 -0.19
CA LYS E 52 -39.09 -11.40 1.25
C LYS E 52 -39.71 -12.71 1.54
N SER E 53 -39.16 -13.34 2.57
CA SER E 53 -39.60 -14.65 3.03
C SER E 53 -41.03 -14.52 3.51
N THR E 54 -41.81 -15.55 3.25
CA THR E 54 -43.18 -15.54 3.69
C THR E 54 -43.22 -16.09 5.15
N GLU E 55 -42.16 -16.78 5.56
CA GLU E 55 -42.07 -17.35 6.89
C GLU E 55 -41.47 -16.39 7.89
N THR E 56 -40.25 -15.92 7.62
CA THR E 56 -39.59 -15.02 8.53
C THR E 56 -39.94 -13.58 8.21
N GLY E 57 -40.49 -13.37 7.01
CA GLY E 57 -40.85 -12.03 6.58
C GLY E 57 -39.64 -11.16 6.19
N GLN E 58 -38.45 -11.74 6.31
CA GLN E 58 -37.20 -11.05 5.98
C GLN E 58 -36.97 -10.76 4.51
N TYR E 59 -36.45 -9.58 4.25
CA TYR E 59 -36.11 -9.16 2.90
C TYR E 59 -34.68 -9.64 2.50
N LEU E 60 -34.53 -10.11 1.26
CA LEU E 60 -33.24 -10.53 0.76
C LEU E 60 -32.42 -9.24 0.57
N ALA E 61 -31.16 -9.26 0.97
CA ALA E 61 -30.33 -8.08 0.85
C ALA E 61 -28.84 -8.36 0.56
N MSE E 62 -28.10 -7.35 0.09
CA MSE E 62 -26.69 -7.50 -0.20
C MSE E 62 -25.82 -6.37 0.36
O MSE E 62 -25.86 -5.22 -0.14
CB MSE E 62 -26.47 -7.61 -1.69
CG MSE E 62 -25.01 -7.92 -2.07
SE MSE E 62 -24.61 -8.12 -3.96
CE MSE E 62 -25.95 -9.41 -4.41
N ASP E 63 -24.99 -6.71 1.36
CA ASP E 63 -24.11 -5.75 2.00
C ASP E 63 -23.11 -5.16 1.01
N THR E 64 -22.39 -4.12 1.42
CA THR E 64 -21.42 -3.47 0.55
C THR E 64 -20.36 -4.43 0.03
N ASP E 65 -20.11 -5.50 0.76
CA ASP E 65 -19.07 -6.43 0.36
C ASP E 65 -19.58 -7.48 -0.61
N GLY E 66 -20.78 -7.25 -1.13
CA GLY E 66 -21.36 -8.20 -2.06
C GLY E 66 -21.94 -9.43 -1.41
N LEU E 67 -21.93 -9.50 -0.07
CA LEU E 67 -22.47 -10.63 0.70
C LEU E 67 -23.99 -10.57 0.99
N LEU E 68 -24.71 -11.66 0.69
CA LEU E 68 -26.18 -11.74 0.90
C LEU E 68 -26.58 -12.01 2.34
N TYR E 69 -27.64 -11.36 2.78
CA TYR E 69 -28.15 -11.52 4.12
C TYR E 69 -29.68 -11.35 4.15
N GLY E 70 -30.25 -11.44 5.34
CA GLY E 70 -31.69 -11.29 5.52
C GLY E 70 -31.94 -10.08 6.39
N SER E 71 -32.53 -9.04 5.80
CA SER E 71 -32.81 -7.80 6.49
C SER E 71 -34.25 -7.86 6.95
N GLN E 72 -34.52 -7.38 8.16
CA GLN E 72 -35.89 -7.40 8.65
C GLN E 72 -36.52 -6.10 8.27
N THR E 73 -35.76 -5.26 7.57
CA THR E 73 -36.25 -3.96 7.11
C THR E 73 -35.93 -3.74 5.63
N PRO E 74 -36.94 -3.38 4.84
CA PRO E 74 -36.71 -3.16 3.43
C PRO E 74 -35.95 -1.85 3.19
N ASN E 75 -34.64 -1.93 2.95
CA ASN E 75 -33.82 -0.74 2.70
C ASN E 75 -33.30 -0.72 1.28
N GLU E 76 -32.38 0.20 0.99
CA GLU E 76 -31.83 0.32 -0.37
C GLU E 76 -31.08 -0.94 -0.77
N GLU E 77 -30.62 -1.70 0.20
CA GLU E 77 -29.91 -2.92 -0.06
C GLU E 77 -30.88 -4.07 -0.26
N CYS E 78 -32.15 -3.79 -0.50
CA CYS E 78 -33.14 -4.85 -0.71
C CYS E 78 -33.68 -4.84 -2.13
N LEU E 79 -33.34 -3.80 -2.89
CA LEU E 79 -33.81 -3.66 -4.25
C LEU E 79 -32.93 -4.27 -5.33
N PHE E 80 -33.48 -5.23 -6.06
CA PHE E 80 -32.79 -5.92 -7.14
C PHE E 80 -33.59 -5.75 -8.41
N LEU E 81 -32.91 -5.52 -9.53
CA LEU E 81 -33.59 -5.36 -10.82
C LEU E 81 -33.64 -6.77 -11.37
N GLU E 82 -34.85 -7.21 -11.70
CA GLU E 82 -35.11 -8.57 -12.19
C GLU E 82 -35.15 -8.59 -13.69
N ARG E 83 -34.35 -9.43 -14.30
CA ARG E 83 -34.31 -9.49 -15.74
C ARG E 83 -34.45 -10.91 -16.15
N LEU E 84 -35.30 -11.12 -17.16
CA LEU E 84 -35.57 -12.45 -17.70
C LEU E 84 -34.41 -12.78 -18.64
N GLU E 85 -33.36 -13.40 -18.08
CA GLU E 85 -32.18 -13.76 -18.83
C GLU E 85 -32.55 -14.62 -20.01
N GLU E 86 -32.66 -15.93 -19.82
CA GLU E 86 -33.07 -16.76 -20.96
C GLU E 86 -34.59 -16.65 -21.05
N ASN E 87 -35.27 -17.61 -21.67
CA ASN E 87 -36.73 -17.50 -21.77
C ASN E 87 -37.54 -18.04 -20.60
N HIS E 88 -36.86 -18.35 -19.50
CA HIS E 88 -37.49 -18.88 -18.29
C HIS E 88 -36.73 -18.37 -17.08
N TYR E 89 -35.42 -18.36 -17.16
CA TYR E 89 -34.62 -17.93 -16.05
C TYR E 89 -34.65 -16.42 -15.85
N ASN E 90 -34.70 -16.04 -14.58
CA ASN E 90 -34.67 -14.64 -14.15
C ASN E 90 -33.33 -14.46 -13.50
N THR E 91 -32.86 -13.25 -13.50
CA THR E 91 -31.58 -12.92 -12.89
C THR E 91 -31.81 -11.72 -11.93
N TYR E 92 -31.23 -11.76 -10.75
CA TYR E 92 -31.41 -10.67 -9.83
C TYR E 92 -30.15 -9.84 -9.55
N ILE E 93 -30.16 -8.57 -9.95
CA ILE E 93 -29.02 -7.68 -9.74
C ILE E 93 -29.24 -6.60 -8.65
N SER E 94 -28.30 -6.54 -7.74
CA SER E 94 -28.31 -5.59 -6.65
C SER E 94 -28.39 -4.22 -7.29
N LYS E 95 -29.56 -3.60 -7.22
CA LYS E 95 -29.71 -2.26 -7.78
C LYS E 95 -28.73 -1.24 -7.16
N LYS E 96 -28.47 -1.36 -5.86
CA LYS E 96 -27.55 -0.44 -5.21
C LYS E 96 -26.17 -0.48 -5.82
N HIS E 97 -25.71 -1.71 -6.07
CA HIS E 97 -24.39 -1.96 -6.65
C HIS E 97 -24.47 -2.30 -8.13
N ALA E 98 -25.64 -2.12 -8.75
CA ALA E 98 -25.86 -2.46 -10.14
C ALA E 98 -24.67 -2.30 -11.09
N GLU E 99 -24.05 -1.11 -11.06
CA GLU E 99 -22.93 -0.82 -11.93
C GLU E 99 -21.72 -1.71 -11.80
N LYS E 100 -21.56 -2.36 -10.66
CA LYS E 100 -20.42 -3.25 -10.43
C LYS E 100 -20.76 -4.63 -11.01
N ASN E 101 -22.00 -4.80 -11.46
CA ASN E 101 -22.48 -6.07 -12.00
C ASN E 101 -22.48 -7.19 -10.92
N TRP E 102 -23.03 -6.89 -9.73
CA TRP E 102 -23.10 -7.86 -8.66
C TRP E 102 -24.49 -8.46 -8.69
N PHE E 103 -24.56 -9.79 -8.75
CA PHE E 103 -25.83 -10.51 -8.84
C PHE E 103 -26.07 -11.37 -7.60
N VAL E 104 -27.22 -12.02 -7.55
CA VAL E 104 -27.58 -12.94 -6.48
C VAL E 104 -27.25 -14.28 -7.09
N GLY E 105 -26.52 -15.13 -6.41
CA GLY E 105 -26.24 -16.43 -6.98
C GLY E 105 -25.71 -17.41 -5.99
N LEU E 106 -25.80 -18.69 -6.30
CA LEU E 106 -25.29 -19.71 -5.36
C LEU E 106 -24.24 -20.58 -6.04
N LYS E 107 -23.20 -20.92 -5.28
CA LYS E 107 -22.13 -21.77 -5.81
C LYS E 107 -22.63 -23.19 -6.01
N LYS E 108 -21.83 -24.00 -6.67
CA LYS E 108 -22.21 -25.37 -6.93
C LYS E 108 -22.54 -26.09 -5.64
N ASN E 109 -21.77 -25.77 -4.60
CA ASN E 109 -21.93 -26.41 -3.29
C ASN E 109 -23.14 -25.96 -2.47
N GLY E 110 -23.93 -25.02 -2.97
CA GLY E 110 -25.07 -24.58 -2.19
C GLY E 110 -24.90 -23.23 -1.48
N SER E 111 -23.66 -22.85 -1.20
CA SER E 111 -23.39 -21.58 -0.55
C SER E 111 -23.65 -20.43 -1.51
N CYS E 112 -23.90 -19.24 -1.00
CA CYS E 112 -24.14 -18.11 -1.89
C CYS E 112 -22.79 -17.56 -2.32
N LYS E 113 -22.73 -17.08 -3.57
CA LYS E 113 -21.51 -16.51 -4.15
C LYS E 113 -21.44 -15.02 -3.93
N ARG E 114 -20.29 -14.54 -3.51
CA ARG E 114 -20.13 -13.13 -3.26
C ARG E 114 -20.40 -12.33 -4.52
N GLY E 115 -21.14 -11.24 -4.38
CA GLY E 115 -21.46 -10.37 -5.49
C GLY E 115 -20.27 -10.08 -6.38
N PRO E 116 -19.14 -9.61 -5.83
CA PRO E 116 -17.93 -9.30 -6.60
C PRO E 116 -17.30 -10.50 -7.31
N ARG E 117 -17.78 -11.70 -7.05
CA ARG E 117 -17.28 -12.90 -7.69
C ARG E 117 -18.29 -13.45 -8.69
N THR E 118 -19.40 -12.71 -8.87
CA THR E 118 -20.44 -13.07 -9.84
C THR E 118 -20.33 -12.14 -11.03
N HIS E 119 -20.98 -12.49 -12.13
CA HIS E 119 -20.96 -11.67 -13.32
C HIS E 119 -22.00 -12.19 -14.26
N TYR E 120 -22.45 -11.31 -15.16
CA TYR E 120 -23.45 -11.65 -16.16
C TYR E 120 -23.03 -12.95 -16.87
N GLY E 121 -23.99 -13.81 -17.17
CA GLY E 121 -23.69 -15.04 -17.86
C GLY E 121 -23.48 -16.31 -17.03
N GLN E 122 -22.93 -16.21 -15.83
CA GLN E 122 -22.68 -17.38 -15.01
C GLN E 122 -23.90 -18.24 -14.86
N LYS E 123 -23.69 -19.53 -14.70
CA LYS E 123 -24.77 -20.49 -14.50
C LYS E 123 -25.29 -20.24 -13.06
N ALA E 124 -24.39 -19.74 -12.24
CA ALA E 124 -24.61 -19.45 -10.85
C ALA E 124 -25.70 -18.44 -10.52
N ILE E 125 -26.01 -17.52 -11.42
CA ILE E 125 -27.06 -16.52 -11.11
C ILE E 125 -28.44 -16.76 -11.75
N LEU E 126 -28.57 -17.83 -12.52
CA LEU E 126 -29.83 -18.14 -13.19
C LEU E 126 -30.81 -18.82 -12.25
N PHE E 127 -31.86 -18.09 -11.88
CA PHE E 127 -32.89 -18.66 -11.03
C PHE E 127 -34.11 -18.96 -11.87
N LEU E 128 -34.72 -20.10 -11.61
CA LEU E 128 -35.94 -20.50 -12.31
C LEU E 128 -37.04 -20.46 -11.27
N PRO E 129 -37.93 -19.48 -11.33
CA PRO E 129 -38.98 -19.42 -10.31
C PRO E 129 -40.05 -20.48 -10.45
N LEU E 130 -40.04 -21.44 -9.52
CA LEU E 130 -41.01 -22.54 -9.48
C LEU E 130 -42.05 -22.21 -8.45
N PRO E 131 -43.33 -22.32 -8.84
CA PRO E 131 -44.36 -22.01 -7.85
C PRO E 131 -44.62 -23.16 -6.88
N VAL E 132 -45.36 -22.82 -5.82
CA VAL E 132 -45.81 -23.74 -4.78
C VAL E 132 -47.17 -23.16 -4.35
N SER E 133 -47.77 -22.51 -5.37
CA SER E 133 -49.07 -21.80 -5.30
C SER E 133 -50.24 -22.76 -5.54
N LYS F 5 79.76 -14.75 -58.82
CA LYS F 5 78.71 -14.57 -59.87
C LYS F 5 77.72 -13.50 -59.38
N PRO F 6 77.39 -12.51 -60.24
CA PRO F 6 76.49 -11.38 -60.01
C PRO F 6 75.14 -11.70 -59.38
N LYS F 7 74.75 -10.80 -58.46
CA LYS F 7 73.50 -10.87 -57.71
C LYS F 7 72.86 -9.49 -57.69
N LEU F 8 71.66 -9.45 -57.13
CA LEU F 8 70.87 -8.21 -56.98
C LEU F 8 70.57 -8.16 -55.49
N LEU F 9 70.80 -7.05 -54.83
CA LEU F 9 70.52 -7.01 -53.39
C LEU F 9 69.10 -6.50 -53.10
N TYR F 10 68.14 -7.41 -53.06
CA TYR F 10 66.75 -7.03 -52.81
C TYR F 10 66.50 -6.70 -51.36
N CYS F 11 65.96 -5.51 -51.11
CA CYS F 11 65.65 -5.10 -49.75
C CYS F 11 64.17 -5.26 -49.45
N SER F 12 63.83 -6.31 -48.71
CA SER F 12 62.44 -6.61 -48.35
C SER F 12 61.66 -5.36 -47.88
N ASN F 13 62.35 -4.45 -47.17
CA ASN F 13 61.70 -3.22 -46.69
C ASN F 13 61.30 -2.36 -47.89
N GLY F 14 60.09 -2.60 -48.38
CA GLY F 14 59.63 -1.84 -49.52
C GLY F 14 59.98 -2.51 -50.84
N GLY F 15 60.69 -3.63 -50.75
CA GLY F 15 61.06 -4.36 -51.95
C GLY F 15 61.86 -3.61 -53.03
N HIS F 16 63.01 -3.04 -52.69
CA HIS F 16 63.83 -2.32 -53.66
C HIS F 16 65.08 -3.12 -53.97
N PHE F 17 65.74 -2.80 -55.09
CA PHE F 17 66.99 -3.46 -55.45
C PHE F 17 68.04 -2.40 -55.15
N LEU F 18 69.02 -2.72 -54.30
CA LEU F 18 70.11 -1.78 -53.91
C LEU F 18 70.67 -1.10 -55.18
N ARG F 19 71.02 0.19 -55.12
CA ARG F 19 71.51 0.84 -56.32
C ARG F 19 72.59 1.88 -56.17
N ILE F 20 73.67 1.65 -56.90
CA ILE F 20 74.84 2.52 -56.90
C ILE F 20 74.84 3.28 -58.24
N LEU F 21 74.26 4.47 -58.20
CA LEU F 21 74.18 5.34 -59.38
C LEU F 21 75.61 5.77 -59.76
N PRO F 22 75.86 5.96 -61.08
CA PRO F 22 77.16 6.36 -61.64
C PRO F 22 77.79 7.57 -60.94
N ASP F 23 76.95 8.48 -60.47
CA ASP F 23 77.39 9.69 -59.78
C ASP F 23 77.70 9.42 -58.32
N GLY F 24 77.93 8.15 -57.99
CA GLY F 24 78.24 7.75 -56.62
C GLY F 24 77.08 7.82 -55.61
N THR F 25 75.84 7.94 -56.09
CA THR F 25 74.73 8.04 -55.17
C THR F 25 74.10 6.68 -55.02
N VAL F 26 73.82 6.31 -53.76
CA VAL F 26 73.22 5.01 -53.43
C VAL F 26 71.76 5.18 -53.07
N ASP F 27 70.93 4.25 -53.52
CA ASP F 27 69.52 4.25 -53.24
C ASP F 27 68.95 2.88 -53.59
N GLY F 28 67.68 2.85 -54.02
CA GLY F 28 67.05 1.61 -54.37
C GLY F 28 66.04 1.83 -55.46
N THR F 29 65.69 0.80 -56.21
CA THR F 29 64.74 0.91 -57.30
C THR F 29 64.01 -0.40 -57.48
N ARG F 30 62.75 -0.35 -57.88
CA ARG F 30 61.98 -1.57 -58.15
C ARG F 30 62.14 -1.93 -59.62
N ASP F 31 62.74 -1.04 -60.39
CA ASP F 31 62.91 -1.27 -61.81
C ASP F 31 63.94 -2.34 -61.96
N ARG F 32 63.48 -3.55 -62.26
CA ARG F 32 64.42 -4.66 -62.39
C ARG F 32 65.30 -4.54 -63.61
N SER F 33 64.88 -3.69 -64.53
CA SER F 33 65.61 -3.49 -65.76
C SER F 33 66.64 -2.35 -65.64
N ASP F 34 66.87 -1.90 -64.42
CA ASP F 34 67.80 -0.80 -64.23
C ASP F 34 69.22 -1.24 -64.42
N GLN F 35 69.97 -0.45 -65.17
CA GLN F 35 71.37 -0.75 -65.49
C GLN F 35 72.38 -0.44 -64.38
N HIS F 36 71.95 -0.49 -63.12
CA HIS F 36 72.88 -0.20 -62.03
C HIS F 36 72.67 -1.08 -60.79
N ILE F 37 71.76 -2.05 -60.86
CA ILE F 37 71.49 -2.89 -59.71
C ILE F 37 72.23 -4.23 -59.64
N GLN F 38 73.13 -4.47 -60.60
CA GLN F 38 73.93 -5.71 -60.68
C GLN F 38 75.14 -5.57 -59.76
N LEU F 39 75.18 -6.39 -58.73
CA LEU F 39 76.25 -6.32 -57.74
C LEU F 39 77.07 -7.59 -57.69
N GLN F 40 78.38 -7.43 -57.53
CA GLN F 40 79.33 -8.55 -57.49
C GLN F 40 80.03 -8.56 -56.14
N LEU F 41 79.60 -9.44 -55.25
CA LEU F 41 80.18 -9.50 -53.91
C LEU F 41 81.52 -10.20 -54.01
N SER F 42 82.53 -9.63 -53.36
CA SER F 42 83.88 -10.17 -53.37
C SER F 42 84.32 -10.38 -51.93
N ALA F 43 84.51 -11.65 -51.56
CA ALA F 43 84.92 -12.03 -50.21
C ALA F 43 86.41 -11.84 -49.95
N GLU F 44 86.73 -10.76 -49.25
CA GLU F 44 88.10 -10.45 -48.92
C GLU F 44 88.44 -10.97 -47.51
N SER F 45 87.77 -12.04 -47.11
CA SER F 45 87.95 -12.71 -45.80
C SER F 45 86.71 -13.56 -45.61
N VAL F 46 86.72 -14.40 -44.56
CA VAL F 46 85.59 -15.30 -44.27
C VAL F 46 84.32 -14.56 -43.92
N GLY F 47 84.48 -13.40 -43.29
CA GLY F 47 83.31 -12.63 -42.91
C GLY F 47 83.16 -11.28 -43.56
N GLU F 48 84.18 -10.84 -44.30
CA GLU F 48 84.13 -9.54 -44.93
C GLU F 48 83.73 -9.68 -46.39
N VAL F 49 83.27 -8.57 -46.98
CA VAL F 49 82.83 -8.57 -48.36
C VAL F 49 83.02 -7.22 -48.97
N TYR F 50 83.04 -7.21 -50.30
CA TYR F 50 83.13 -6.02 -51.11
C TYR F 50 81.88 -6.05 -52.00
N ILE F 51 81.30 -4.87 -52.25
CA ILE F 51 80.11 -4.79 -53.07
C ILE F 51 80.44 -3.74 -54.10
N LYS F 52 80.59 -4.18 -55.36
CA LYS F 52 80.87 -3.25 -56.46
C LYS F 52 79.91 -3.44 -57.60
N SER F 53 79.73 -2.37 -58.35
CA SER F 53 78.84 -2.38 -59.51
C SER F 53 79.54 -3.01 -60.68
N THR F 54 78.83 -3.84 -61.41
CA THR F 54 79.44 -4.45 -62.57
C THR F 54 79.58 -3.32 -63.57
N GLU F 55 78.46 -2.65 -63.83
CA GLU F 55 78.39 -1.55 -64.79
C GLU F 55 79.29 -0.33 -64.56
N THR F 56 79.37 0.19 -63.35
CA THR F 56 80.24 1.36 -63.11
C THR F 56 81.53 1.03 -62.37
N GLY F 57 81.69 -0.22 -61.94
CA GLY F 57 82.87 -0.61 -61.20
C GLY F 57 82.99 0.04 -59.83
N GLN F 58 82.02 0.88 -59.45
CA GLN F 58 82.06 1.56 -58.16
C GLN F 58 81.79 0.62 -57.01
N TYR F 59 82.51 0.82 -55.91
CA TYR F 59 82.34 0.04 -54.69
C TYR F 59 81.45 0.80 -53.70
N LEU F 60 80.59 0.08 -53.00
CA LEU F 60 79.71 0.67 -51.99
C LEU F 60 80.54 1.02 -50.76
N ALA F 61 80.44 2.26 -50.32
CA ALA F 61 81.18 2.72 -49.13
C ALA F 61 80.30 3.58 -48.20
N MSE F 62 80.64 3.59 -46.91
CA MSE F 62 79.86 4.39 -45.96
C MSE F 62 80.76 5.38 -45.23
O MSE F 62 81.56 4.99 -44.37
CB MSE F 62 79.14 3.46 -44.98
CG MSE F 62 78.17 4.15 -44.07
SE MSE F 62 77.55 3.27 -42.47
CE MSE F 62 76.53 1.79 -43.18
N ASP F 63 80.65 6.66 -45.56
CA ASP F 63 81.49 7.67 -44.95
C ASP F 63 81.26 7.80 -43.44
N THR F 64 82.08 8.59 -42.76
CA THR F 64 81.93 8.77 -41.33
C THR F 64 80.56 9.24 -40.86
N ASP F 65 79.72 9.73 -41.76
CA ASP F 65 78.39 10.19 -41.36
C ASP F 65 77.33 9.11 -41.52
N GLY F 66 77.77 7.95 -41.93
CA GLY F 66 76.85 6.85 -42.09
C GLY F 66 76.18 6.93 -43.43
N LEU F 67 76.58 7.89 -44.25
CA LEU F 67 75.97 8.03 -45.57
C LEU F 67 76.62 7.06 -46.55
N LEU F 68 75.80 6.33 -47.31
CA LEU F 68 76.30 5.39 -48.29
C LEU F 68 76.69 6.16 -49.55
N TYR F 69 77.80 5.75 -50.15
CA TYR F 69 78.31 6.38 -51.37
C TYR F 69 79.04 5.39 -52.25
N GLY F 70 79.14 5.69 -53.53
CA GLY F 70 79.84 4.79 -54.42
C GLY F 70 81.24 5.26 -54.69
N SER F 71 82.22 4.56 -54.16
CA SER F 71 83.60 4.90 -54.37
C SER F 71 84.15 4.19 -55.61
N GLN F 72 85.18 4.77 -56.24
CA GLN F 72 85.82 4.17 -57.42
C GLN F 72 87.00 3.32 -56.95
N THR F 73 87.37 3.51 -55.70
CA THR F 73 88.49 2.83 -55.09
C THR F 73 88.12 1.99 -53.86
N PRO F 74 88.47 0.71 -53.87
CA PRO F 74 88.17 -0.16 -52.75
C PRO F 74 89.00 0.18 -51.52
N ASN F 75 88.49 1.07 -50.67
CA ASN F 75 89.20 1.45 -49.47
C ASN F 75 88.62 0.81 -48.21
N GLU F 76 89.06 1.26 -47.04
CA GLU F 76 88.55 0.70 -45.78
C GLU F 76 87.05 0.93 -45.57
N GLU F 77 86.52 2.01 -46.10
CA GLU F 77 85.09 2.30 -45.95
C GLU F 77 84.22 1.43 -46.86
N CYS F 78 84.86 0.57 -47.64
CA CYS F 78 84.15 -0.30 -48.60
C CYS F 78 83.88 -1.72 -48.08
N LEU F 79 84.45 -2.04 -46.94
CA LEU F 79 84.27 -3.35 -46.40
C LEU F 79 83.05 -3.48 -45.49
N PHE F 80 82.38 -4.61 -45.61
CA PHE F 80 81.24 -4.87 -44.80
C PHE F 80 81.22 -6.29 -44.32
N LEU F 81 80.84 -6.50 -43.06
CA LEU F 81 80.72 -7.84 -42.51
C LEU F 81 79.32 -8.40 -42.87
N GLU F 82 79.30 -9.34 -43.81
CA GLU F 82 78.06 -9.95 -44.24
C GLU F 82 77.68 -11.03 -43.22
N ARG F 83 76.44 -10.97 -42.74
CA ARG F 83 75.89 -11.94 -41.75
C ARG F 83 74.42 -12.33 -42.03
N LEU F 84 74.00 -13.47 -41.49
CA LEU F 84 72.62 -13.89 -41.64
C LEU F 84 71.91 -13.67 -40.30
N GLU F 85 70.68 -13.17 -40.36
CA GLU F 85 69.92 -12.93 -39.15
C GLU F 85 68.87 -14.04 -38.93
N GLU F 86 68.25 -14.00 -37.76
CA GLU F 86 67.25 -14.99 -37.37
C GLU F 86 66.38 -15.59 -38.45
N ASN F 87 65.73 -14.73 -39.20
CA ASN F 87 64.82 -15.17 -40.24
C ASN F 87 65.46 -15.50 -41.59
N HIS F 88 66.78 -15.63 -41.59
CA HIS F 88 67.53 -15.99 -42.78
C HIS F 88 67.73 -14.98 -43.89
N TYR F 89 67.90 -13.73 -43.50
CA TYR F 89 68.13 -12.68 -44.46
C TYR F 89 69.58 -12.32 -44.36
N ASN F 90 70.06 -11.55 -45.31
CA ASN F 90 71.43 -11.11 -45.30
C ASN F 90 71.52 -9.67 -44.86
N THR F 91 72.47 -9.36 -43.99
CA THR F 91 72.65 -7.98 -43.57
C THR F 91 74.13 -7.61 -43.71
N TYR F 92 74.41 -6.37 -44.09
CA TYR F 92 75.78 -5.91 -44.25
C TYR F 92 76.12 -4.82 -43.28
N ILE F 93 77.01 -5.10 -42.33
CA ILE F 93 77.39 -4.07 -41.37
C ILE F 93 78.75 -3.44 -41.68
N SER F 94 78.87 -2.12 -41.57
CA SER F 94 80.13 -1.45 -41.84
C SER F 94 81.17 -1.88 -40.83
N LYS F 95 82.20 -2.59 -41.29
CA LYS F 95 83.26 -3.06 -40.42
C LYS F 95 83.93 -1.90 -39.74
N LYS F 96 84.02 -0.77 -40.43
CA LYS F 96 84.66 0.38 -39.83
C LYS F 96 83.91 0.86 -38.61
N HIS F 97 82.59 0.98 -38.76
CA HIS F 97 81.78 1.45 -37.66
C HIS F 97 81.01 0.24 -37.08
N ALA F 98 81.63 -0.93 -37.16
CA ALA F 98 80.98 -2.14 -36.67
C ALA F 98 80.48 -2.00 -35.23
N GLU F 99 81.32 -1.39 -34.40
CA GLU F 99 81.01 -1.20 -33.01
C GLU F 99 79.80 -0.31 -32.79
N LYS F 100 79.58 0.66 -33.67
CA LYS F 100 78.43 1.56 -33.53
C LYS F 100 77.09 0.90 -34.00
N ASN F 101 77.19 -0.26 -34.64
CA ASN F 101 76.01 -0.98 -35.13
C ASN F 101 75.37 -0.28 -36.30
N TRP F 102 76.20 0.19 -37.24
CA TRP F 102 75.71 0.85 -38.44
C TRP F 102 75.61 -0.16 -39.58
N PHE F 103 74.40 -0.42 -40.07
CA PHE F 103 74.16 -1.36 -41.17
C PHE F 103 73.93 -0.61 -42.46
N VAL F 104 73.86 -1.36 -43.54
CA VAL F 104 73.56 -0.81 -44.85
C VAL F 104 72.03 -1.02 -44.92
N GLY F 105 71.28 0.05 -45.07
CA GLY F 105 69.84 -0.15 -45.15
C GLY F 105 69.06 0.86 -45.96
N LEU F 106 67.89 0.46 -46.43
CA LEU F 106 67.07 1.36 -47.22
C LEU F 106 65.71 1.60 -46.59
N LYS F 107 65.35 2.87 -46.43
CA LYS F 107 64.05 3.26 -45.90
C LYS F 107 62.94 2.76 -46.84
N LYS F 108 61.71 2.69 -46.36
CA LYS F 108 60.59 2.24 -47.19
C LYS F 108 60.41 3.13 -48.42
N ASN F 109 60.71 4.42 -48.27
CA ASN F 109 60.60 5.33 -49.39
C ASN F 109 61.67 5.13 -50.44
N GLY F 110 62.58 4.20 -50.20
CA GLY F 110 63.64 3.90 -51.15
C GLY F 110 64.95 4.66 -51.00
N SER F 111 65.00 5.60 -50.09
CA SER F 111 66.21 6.35 -49.88
C SER F 111 67.12 5.49 -49.01
N CYS F 112 68.41 5.78 -48.98
CA CYS F 112 69.24 4.98 -48.13
C CYS F 112 69.03 5.52 -46.72
N LYS F 113 69.06 4.63 -45.74
CA LYS F 113 68.84 5.02 -44.35
C LYS F 113 70.20 5.20 -43.73
N ARG F 114 70.51 6.39 -43.25
CA ARG F 114 71.82 6.63 -42.63
C ARG F 114 72.11 5.57 -41.58
N GLY F 115 73.32 5.04 -41.61
CA GLY F 115 73.73 4.01 -40.68
C GLY F 115 73.26 4.25 -39.27
N PRO F 116 73.57 5.43 -38.70
CA PRO F 116 73.18 5.80 -37.34
C PRO F 116 71.68 5.65 -37.04
N ARG F 117 70.88 5.64 -38.09
CA ARG F 117 69.45 5.45 -37.95
C ARG F 117 69.06 3.98 -38.07
N THR F 118 70.00 3.15 -38.54
CA THR F 118 69.72 1.73 -38.65
C THR F 118 70.27 1.06 -37.43
N HIS F 119 69.69 -0.09 -37.09
CA HIS F 119 70.14 -0.86 -35.95
C HIS F 119 69.75 -2.32 -36.14
N TYR F 120 70.40 -3.23 -35.39
CA TYR F 120 70.11 -4.65 -35.53
C TYR F 120 68.68 -4.94 -35.24
N GLY F 121 68.03 -5.62 -36.19
CA GLY F 121 66.64 -5.96 -36.01
C GLY F 121 65.64 -5.22 -36.85
N GLN F 122 66.06 -4.14 -37.53
CA GLN F 122 65.14 -3.38 -38.36
C GLN F 122 64.83 -4.09 -39.65
N LYS F 123 63.71 -3.72 -40.29
CA LYS F 123 63.36 -4.32 -41.58
C LYS F 123 64.23 -3.69 -42.66
N ALA F 124 64.63 -2.46 -42.39
CA ALA F 124 65.45 -1.66 -43.28
C ALA F 124 66.77 -2.29 -43.74
N ILE F 125 67.30 -3.22 -42.97
CA ILE F 125 68.58 -3.83 -43.27
C ILE F 125 68.51 -5.27 -43.78
N LEU F 126 67.32 -5.83 -43.87
CA LEU F 126 67.15 -7.20 -44.32
C LEU F 126 67.21 -7.32 -45.84
N PHE F 127 68.26 -7.93 -46.33
CA PHE F 127 68.43 -8.09 -47.75
C PHE F 127 68.41 -9.53 -48.20
N LEU F 128 68.03 -9.76 -49.45
CA LEU F 128 67.99 -11.10 -50.06
C LEU F 128 68.83 -11.02 -51.31
N PRO F 129 69.84 -11.89 -51.41
CA PRO F 129 70.67 -11.86 -52.61
C PRO F 129 69.95 -12.56 -53.77
N LEU F 130 69.35 -11.75 -54.63
CA LEU F 130 68.62 -12.23 -55.80
C LEU F 130 69.55 -12.45 -57.02
N PRO F 131 69.52 -13.68 -57.59
CA PRO F 131 70.31 -14.11 -58.72
C PRO F 131 69.87 -13.58 -60.07
N VAL F 132 70.68 -12.69 -60.65
CA VAL F 132 70.36 -12.15 -61.97
C VAL F 132 70.53 -13.26 -63.01
N SER F 133 69.64 -13.29 -63.99
CA SER F 133 69.66 -14.30 -65.06
C SER F 133 69.35 -15.71 -64.51
C1 SGN G . -40.66 13.84 55.89
C2 SGN G . -39.66 14.75 55.17
C3 SGN G . -40.10 16.19 55.33
C4 SGN G . -41.47 16.25 54.68
C5 SGN G . -42.35 15.43 55.56
C6 SGN G . -43.81 15.56 55.27
N2 SGN G . -38.31 14.54 55.67
O1 SGN G . -40.58 14.07 57.30
O3 SGN G . -39.22 17.08 54.69
O4 SGN G . -41.95 17.53 54.65
O5 SGN G . -41.97 14.08 55.44
O6 SGN G . -44.05 15.00 54.03
S1 SGN G . -37.18 14.07 54.59
O1S SGN G . -37.68 12.85 53.94
O2S SGN G . -37.02 15.20 53.69
O3S SGN G . -35.98 13.87 55.38
S2 SGN G . -44.73 13.64 53.86
O4S SGN G . -45.85 13.87 52.98
O5S SGN G . -43.73 12.79 53.25
O6S SGN G . -45.12 13.23 55.20
C1 IDS G . -42.50 17.87 53.40
C2 IDS G . -43.82 18.61 53.64
C3 IDS G . -43.65 20.11 53.98
C4 IDS G . -42.40 20.76 53.35
C5 IDS G . -41.25 19.81 53.39
C6 IDS G . -39.97 20.40 52.90
O2 IDS G . -44.65 18.52 52.50
O3 IDS G . -43.54 20.22 55.39
O4 IDS G . -42.65 21.05 52.01
O5 IDS G . -41.58 18.66 52.68
O6A IDS G . -39.32 19.84 52.04
O6B IDS G . -39.57 21.45 53.37
S IDS G . -46.20 18.76 52.46
O1S IDS G . -46.36 20.03 51.87
O2S IDS G . -46.79 17.71 51.69
O3S IDS G . -46.61 18.75 53.81
C1 SGN G . -42.61 22.41 51.63
C2 SGN G . -43.82 22.69 50.74
C3 SGN G . -43.72 21.91 49.43
C4 SGN G . -42.35 22.22 48.73
C5 SGN G . -41.23 21.94 49.74
C6 SGN G . -39.84 22.20 49.27
N2 SGN G . -45.03 22.36 51.48
O3 SGN G . -44.78 22.30 48.60
O4 SGN G . -42.19 21.36 47.63
O5 SGN G . -41.42 22.73 50.92
O6 SGN G . -39.76 23.54 48.94
S1 SGN G . -45.72 23.56 52.29
O1S SGN G . -44.72 24.13 53.15
O2S SGN G . -46.15 24.48 51.29
O3S SGN G . -46.79 22.97 53.00
S2 SGN G . -38.45 24.37 48.97
O4S SGN G . -37.55 23.73 48.06
O5S SGN G . -38.85 25.69 48.53
O6S SGN G . -37.98 24.34 50.35
C1 IDS G . -41.44 21.82 46.53
C2 IDS G . -41.01 20.61 45.69
C3 IDS G . -42.20 19.98 44.90
C4 IDS G . -43.08 21.04 44.26
C5 IDS G . -43.34 22.18 45.22
C6 IDS G . -44.15 23.24 44.62
O2 IDS G . -40.04 21.02 44.77
O3 IDS G . -42.99 19.23 45.77
O4 IDS G . -42.45 21.54 43.14
O5 IDS G . -42.17 22.72 45.72
O6A IDS G . -43.75 24.38 44.62
O6B IDS G . -45.21 22.99 44.15
S IDS G . -38.50 21.03 44.99
O1S IDS G . -38.07 19.67 44.83
O2S IDS G . -38.05 21.88 43.94
O3S IDS G . -38.15 21.56 46.25
C1 SGN G . -42.86 20.99 41.89
C2 SGN G . -41.89 21.49 40.82
C3 SGN G . -41.99 23.03 40.77
C4 SGN G . -43.43 23.39 40.35
C5 SGN G . -44.40 22.80 41.40
C6 SGN G . -45.87 23.02 41.08
N2 SGN G . -40.52 21.02 41.11
O3 SGN G . -41.10 23.55 39.78
O4 SGN G . -43.52 24.80 40.34
O5 SGN G . -44.19 21.36 41.54
O6 SGN G . -46.25 22.26 39.97
S1 SGN G . -40.13 19.51 40.65
O1S SGN G . -41.07 18.63 41.29
O2S SGN G . -40.27 19.42 39.23
O3S SGN G . -38.79 19.33 41.09
S2 SGN G . -47.72 22.05 39.43
O4S SGN G . -47.94 23.20 38.58
O5S SGN G . -47.75 20.78 38.72
O6S SGN G . -48.59 22.02 40.60
C1 SGN H . -18.91 -23.70 -20.15
C2 SGN H . -17.80 -24.42 -19.37
C3 SGN H . -18.26 -24.54 -17.90
C4 SGN H . -18.56 -23.16 -17.33
C5 SGN H . -19.54 -22.40 -18.26
C6 SGN H . -19.63 -20.91 -17.93
N2 SGN H . -17.47 -25.76 -19.99
O1 SGN H . -20.14 -24.44 -20.07
O3 SGN H . -17.23 -25.13 -17.12
O4 SGN H . -19.15 -23.32 -16.07
O5 SGN H . -19.12 -22.42 -19.64
O6 SGN H . -18.32 -20.43 -18.03
S1 SGN H . -16.05 -25.99 -20.85
O1S SGN H . -15.52 -24.68 -21.20
O2S SGN H . -15.16 -26.71 -20.00
O3S SGN H . -16.43 -26.75 -22.04
S2 SGN H . -17.77 -19.07 -17.53
O4S SGN H . -18.29 -18.87 -16.22
O5S SGN H . -16.35 -19.25 -17.52
O6S SGN H . -18.23 -18.09 -18.49
C1 IDS H . -18.80 -22.38 -15.06
C2 IDS H . -19.74 -22.50 -13.87
C3 IDS H . -19.51 -23.76 -13.02
C4 IDS H . -18.03 -24.05 -12.78
C5 IDS H . -17.20 -23.83 -14.07
C6 IDS H . -15.67 -24.03 -13.94
O2 IDS H . -19.56 -21.40 -13.04
O3 IDS H . -20.06 -24.85 -13.70
O4 IDS H . -17.57 -23.20 -11.78
O5 IDS H . -17.47 -22.55 -14.63
O6A IDS H . -14.91 -23.07 -13.70
O6B IDS H . -15.20 -25.15 -14.05
S IDS H . -20.39 -20.08 -13.04
O1S IDS H . -21.35 -20.20 -11.97
O2S IDS H . -19.44 -19.06 -12.81
O3S IDS H . -21.03 -19.97 -14.33
C1 SGN H . -17.34 -23.79 -10.53
C2 SGN H . -17.14 -22.71 -9.49
C3 SGN H . -15.88 -21.95 -9.81
C4 SGN H . -14.70 -22.90 -9.75
C5 SGN H . -14.96 -24.07 -10.73
C6 SGN H . -13.94 -25.24 -10.62
N2 SGN H . -18.32 -21.86 -9.48
O3 SGN H . -15.68 -20.95 -8.85
O4 SGN H . -13.57 -22.19 -10.16
O5 SGN H . -16.22 -24.67 -10.51
O6 SGN H . -14.28 -26.06 -9.52
S1 SGN H . -19.38 -22.07 -8.28
O1S SGN H . -19.34 -23.47 -7.93
O2S SGN H . -18.90 -21.22 -7.21
O3S SGN H . -20.65 -21.71 -8.80
S2 SGN H . -13.31 -26.91 -8.58
O4S SGN H . -12.93 -25.98 -7.54
O5S SGN H . -14.11 -28.01 -8.14
O6S SGN H . -12.18 -27.34 -9.33
C1 IDS H . -12.37 -22.38 -9.45
C2 IDS H . -11.17 -21.93 -10.33
C3 IDS H . -10.90 -20.42 -10.31
C4 IDS H . -11.21 -19.75 -8.95
C5 IDS H . -12.43 -20.33 -8.25
C6 IDS H . -12.60 -19.76 -6.86
O2 IDS H . -9.99 -22.63 -9.91
O3 IDS H . -11.73 -19.85 -11.29
O4 IDS H . -10.11 -19.90 -8.09
O5 IDS H . -12.38 -21.73 -8.18
O6A IDS H . -11.88 -20.16 -5.95
O6B IDS H . -13.41 -18.88 -6.63
S IDS H . -9.58 -24.08 -10.32
O1S IDS H . -9.05 -23.97 -11.62
O2S IDS H . -8.65 -24.54 -9.34
O3S IDS H . -10.79 -24.83 -10.36
C1 SGN H . -9.36 -18.75 -7.85
C2 SGN H . -7.95 -19.16 -7.39
C3 SGN H . -7.90 -19.45 -5.90
C4 SGN H . -8.45 -18.22 -5.15
C5 SGN H . -9.92 -18.13 -5.55
C6 SGN H . -10.73 -17.08 -4.73
N2 SGN H . -7.50 -20.31 -8.17
O3 SGN H . -6.54 -19.67 -5.52
O4 SGN H . -8.30 -18.42 -3.75
O5 SGN H . -10.00 -17.80 -6.96
O6 SGN H . -9.95 -15.93 -4.44
S1 SGN H . -6.37 -20.07 -9.29
O1S SGN H . -7.08 -19.67 -10.48
O2S SGN H . -5.51 -19.04 -8.77
O3S SGN H . -5.70 -21.31 -9.51
S2 SGN H . -9.87 -14.57 -5.27
O4S SGN H . -11.16 -13.99 -5.24
O5S SGN H . -8.90 -13.75 -4.57
O6S SGN H . -9.46 -14.91 -6.62
C1 IDS I . 64.15 12.36 -41.27
C2 IDS I . 63.08 12.80 -40.26
C3 IDS I . 61.81 13.30 -40.95
C4 IDS I . 61.35 12.30 -42.04
C5 IDS I . 62.52 11.96 -42.95
C6 IDS I . 62.16 11.01 -44.09
O1 IDS I . 64.67 13.51 -41.87
O2 IDS I . 62.73 11.69 -39.49
O3 IDS I . 62.10 14.54 -41.56
O4 IDS I . 60.87 11.13 -41.44
O5 IDS I . 63.61 11.46 -42.21
O6A IDS I . 62.65 9.90 -44.16
O6B IDS I . 61.38 11.33 -44.97
S IDS I . 62.00 11.69 -38.10
O1S IDS I . 61.13 12.83 -38.08
O2S IDS I . 61.28 10.44 -38.05
O3S IDS I . 63.06 11.79 -37.13
C1 SGN I . 59.72 10.59 -42.01
C2 SGN I . 58.74 10.09 -40.94
C3 SGN I . 59.30 8.90 -40.19
C4 SGN I . 59.72 7.84 -41.21
C5 SGN I . 60.64 8.46 -42.27
C6 SGN I . 61.01 7.53 -43.39
N2 SGN I . 58.38 11.16 -40.04
O3 SGN I . 58.31 8.34 -39.36
O4 SGN I . 60.42 6.83 -40.55
O5 SGN I . 60.03 9.54 -42.90
O6 SGN I . 59.82 7.13 -44.03
S1 SGN I . 57.14 12.12 -40.46
O1S SGN I . 57.60 12.89 -41.62
O2S SGN I . 55.99 11.27 -40.79
O3S SGN I . 56.94 12.95 -39.30
S2 SGN I . 59.66 6.77 -45.53
O4S SGN I . 60.87 6.15 -45.96
O5S SGN I . 58.51 5.88 -45.64
O6S SGN I . 59.51 8.02 -46.17
C1 IDS I . 60.06 5.54 -40.93
C2 IDS I . 61.25 4.63 -40.73
C3 IDS I . 61.45 4.22 -39.22
C4 IDS I . 60.12 3.83 -38.56
C5 IDS I . 59.10 4.92 -38.84
C6 IDS I . 57.74 4.72 -38.13
O2 IDS I . 61.08 3.47 -41.53
O3 IDS I . 61.96 5.33 -38.49
O4 IDS I . 59.69 2.59 -39.10
O5 IDS I . 58.91 5.06 -40.23
O6A IDS I . 56.78 4.23 -38.72
O6B IDS I . 57.59 5.03 -36.96
S IDS I . 62.03 2.96 -42.64
O1S IDS I . 63.07 2.27 -41.97
O2S IDS I . 61.28 2.10 -43.50
O3S IDS I . 62.49 4.16 -43.24
C1 SGN I . 59.84 1.50 -38.22
C2 SGN I . 59.78 0.18 -38.96
C3 SGN I . 58.38 -0.06 -39.54
C4 SGN I . 57.40 0.01 -38.34
C5 SGN I . 57.55 1.37 -37.74
C6 SGN I . 56.63 1.61 -36.59
N2 SGN I . 60.89 0.11 -39.93
O3 SGN I . 58.35 -1.35 -40.14
O4 SGN I . 56.03 -0.11 -38.65
O5 SGN I . 58.85 1.54 -37.23
O6 SGN I . 56.87 0.57 -35.71
S1 SGN I . 62.40 -0.36 -39.35
O1S SGN I . 62.69 0.44 -38.18
O2S SGN I . 62.26 -1.76 -39.05
O3S SGN I . 63.34 -0.16 -40.40
S2 SGN I . 56.33 0.42 -34.29
O4S SGN I . 55.68 -0.88 -34.29
O5S SGN I . 57.49 0.50 -33.45
O6S SGN I . 55.40 1.53 -34.07
C1 IDS I . 55.57 -0.44 -39.93
C2 IDS I . 54.07 -0.09 -40.01
C3 IDS I . 53.36 -0.72 -41.24
C4 IDS I . 53.85 -2.15 -41.57
C5 IDS I . 55.36 -2.27 -41.36
C6 IDS I . 55.98 -3.63 -41.61
O2 IDS I . 53.40 -0.56 -38.86
O3 IDS I . 53.59 0.12 -42.36
O4 IDS I . 53.17 -3.03 -40.71
O5 IDS I . 55.70 -1.83 -40.08
O6A IDS I . 56.83 -4.06 -40.86
O6B IDS I . 55.65 -4.33 -42.56
S IDS I . 51.97 -0.11 -38.31
O1S IDS I . 51.08 -0.19 -39.42
O2S IDS I . 51.59 -1.03 -37.27
O3S IDS I . 52.16 1.25 -37.83
#